data_1W89
#
_entry.id   1W89
#
_cell.length_a   49.580
_cell.length_b   49.610
_cell.length_c   80.020
_cell.angle_alpha   87.77
_cell.angle_beta   82.30
_cell.angle_gamma   79.31
#
_symmetry.space_group_name_H-M   'P 1'
#
loop_
_entity.id
_entity.type
_entity.pdbx_description
1 polymer THIOREDOXIN
2 water water
#
_entity_poly.entity_id   1
_entity_poly.type   'polypeptide(L)'
_entity_poly.pdbx_seq_one_letter_code
;MRGSHHHHHHGSTTFNIQDGPDFQDRVVNSETPVVVDFHAQWCGPCKILGPRLEKMVAKQHGKVVMAKVDIDDHTDLAIE
YEVSAVPTVLAMKNGDVVDKFVGIKDEDQLEAFLKKLIG
;
_entity_poly.pdbx_strand_id   A,B,C,D,E,F
#
# COMPACT_ATOMS: atom_id res chain seq x y z
N HIS A 10 -19.60 15.76 26.53
CA HIS A 10 -19.53 14.42 25.86
C HIS A 10 -20.84 14.01 25.12
N GLY A 11 -21.47 15.00 24.46
CA GLY A 11 -22.77 14.85 23.81
C GLY A 11 -22.77 14.21 22.44
N SER A 12 -21.69 14.45 21.67
CA SER A 12 -21.54 13.93 20.33
C SER A 12 -21.06 12.44 20.26
N THR A 13 -21.69 11.65 19.37
CA THR A 13 -21.21 10.29 19.02
C THR A 13 -19.99 10.26 18.12
N THR A 14 -19.52 11.39 17.59
CA THR A 14 -18.33 11.44 16.75
C THR A 14 -17.46 12.57 17.29
N PHE A 15 -16.17 12.31 17.51
CA PHE A 15 -15.32 13.21 18.35
C PHE A 15 -13.85 13.01 17.99
N ASN A 16 -13.03 14.07 18.15
CA ASN A 16 -11.60 13.96 17.99
C ASN A 16 -11.08 13.57 19.33
N ILE A 17 -10.16 12.61 19.34
CA ILE A 17 -9.47 12.18 20.57
C ILE A 17 -8.48 13.27 20.88
N GLN A 18 -8.60 13.83 22.07
CA GLN A 18 -7.82 15.00 22.51
C GLN A 18 -6.45 14.75 23.17
N ASP A 19 -6.27 13.57 23.80
CA ASP A 19 -4.98 13.06 24.42
C ASP A 19 -5.01 11.56 24.80
N GLY A 20 -3.94 11.10 25.45
CA GLY A 20 -3.88 9.80 26.21
C GLY A 20 -5.02 9.40 27.19
N PRO A 21 -5.30 10.20 28.26
CA PRO A 21 -6.53 10.03 29.09
C PRO A 21 -7.89 9.99 28.40
N ASP A 22 -8.03 10.84 27.35
CA ASP A 22 -9.22 11.01 26.50
C ASP A 22 -9.52 9.72 25.80
N PHE A 23 -8.47 9.07 25.24
CA PHE A 23 -8.58 7.71 24.64
C PHE A 23 -9.01 6.64 25.67
N GLN A 24 -8.48 6.68 26.90
CA GLN A 24 -8.70 5.65 27.88
C GLN A 24 -10.12 5.65 28.41
N ASP A 25 -10.68 6.86 28.57
CA ASP A 25 -12.06 7.10 29.00
C ASP A 25 -13.08 6.89 27.86
N ARG A 26 -12.75 7.36 26.67
CA ARG A 26 -13.81 7.34 25.62
C ARG A 26 -13.77 6.14 24.69
N VAL A 27 -12.63 5.41 24.67
CA VAL A 27 -12.48 4.20 23.82
C VAL A 27 -12.35 2.92 24.64
N VAL A 28 -11.23 2.78 25.39
CA VAL A 28 -10.89 1.56 26.18
C VAL A 28 -11.98 1.32 27.24
N ASN A 29 -12.43 2.38 27.91
CA ASN A 29 -13.56 2.28 28.86
C ASN A 29 -14.92 2.75 28.30
N SER A 30 -15.14 2.72 26.97
CA SER A 30 -16.47 2.99 26.39
C SER A 30 -17.46 1.89 26.73
N GLU A 31 -18.72 2.29 26.72
CA GLU A 31 -19.82 1.47 27.17
C GLU A 31 -20.54 1.04 25.90
N THR A 32 -20.22 1.66 24.78
CA THR A 32 -20.84 1.25 23.52
C THR A 32 -19.69 0.71 22.68
N PRO A 33 -19.98 -0.09 21.62
CA PRO A 33 -18.96 -0.28 20.58
C PRO A 33 -18.41 1.00 19.89
N VAL A 34 -17.12 0.96 19.54
CA VAL A 34 -16.31 2.11 19.02
C VAL A 34 -15.65 1.76 17.70
N VAL A 35 -15.70 2.71 16.77
CA VAL A 35 -14.94 2.68 15.57
C VAL A 35 -13.76 3.68 15.77
N VAL A 36 -12.53 3.25 15.59
CA VAL A 36 -11.40 4.20 15.77
C VAL A 36 -10.75 4.57 14.45
N ASP A 37 -10.83 5.83 14.01
CA ASP A 37 -10.31 6.26 12.74
C ASP A 37 -8.96 6.99 12.89
N PHE A 38 -7.93 6.27 12.48
CA PHE A 38 -6.56 6.75 12.37
C PHE A 38 -6.42 7.47 11.06
N HIS A 39 -6.11 8.75 11.14
CA HIS A 39 -6.05 9.59 9.95
C HIS A 39 -4.92 10.65 10.00
N ALA A 40 -4.66 11.32 8.89
CA ALA A 40 -3.68 12.42 8.81
C ALA A 40 -4.07 13.39 7.75
N GLN A 41 -3.73 14.68 7.92
CA GLN A 41 -3.97 15.80 6.95
C GLN A 41 -3.33 15.55 5.56
N TRP A 42 -2.17 14.83 5.52
CA TRP A 42 -1.45 14.51 4.26
C TRP A 42 -1.97 13.30 3.46
N CYS A 43 -3.06 12.71 3.89
CA CYS A 43 -3.52 11.51 3.26
C CYS A 43 -4.86 11.80 2.60
N GLY A 44 -4.82 11.95 1.29
CA GLY A 44 -6.00 11.98 0.37
C GLY A 44 -7.26 11.13 0.69
N PRO A 45 -7.13 9.77 0.68
CA PRO A 45 -8.26 8.88 1.03
C PRO A 45 -8.92 9.01 2.40
N CYS A 46 -8.21 9.55 3.41
CA CYS A 46 -8.82 9.99 4.67
C CYS A 46 -9.89 11.07 4.51
N LYS A 47 -9.67 12.04 3.61
CA LYS A 47 -10.71 13.08 3.26
C LYS A 47 -11.99 12.63 2.63
N ILE A 48 -11.97 11.45 2.03
CA ILE A 48 -13.18 10.78 1.61
C ILE A 48 -13.79 9.83 2.66
N LEU A 49 -12.96 8.95 3.27
CA LEU A 49 -13.43 7.92 4.21
C LEU A 49 -13.98 8.49 5.52
N GLY A 50 -13.19 9.43 6.09
CA GLY A 50 -13.56 10.33 7.21
C GLY A 50 -14.99 10.81 7.39
N PRO A 51 -15.46 11.75 6.52
CA PRO A 51 -16.86 12.22 6.47
C PRO A 51 -17.90 11.14 6.21
N ARG A 52 -17.54 10.12 5.40
CA ARG A 52 -18.40 9.02 5.03
C ARG A 52 -18.77 8.15 6.20
N LEU A 53 -17.77 7.76 6.98
CA LEU A 53 -17.94 6.99 8.15
C LEU A 53 -18.63 7.75 9.28
N GLU A 54 -18.27 9.04 9.38
CA GLU A 54 -18.86 10.04 10.32
C GLU A 54 -20.35 10.17 10.29
N LYS A 55 -20.89 10.39 9.07
CA LYS A 55 -22.33 10.44 8.83
C LYS A 55 -23.05 9.13 9.11
N MET A 56 -22.45 8.01 8.68
CA MET A 56 -22.93 6.66 9.00
C MET A 56 -23.00 6.30 10.48
N VAL A 57 -21.97 6.68 11.22
CA VAL A 57 -21.96 6.52 12.70
C VAL A 57 -23.01 7.48 13.39
N ALA A 58 -23.15 8.70 12.85
CA ALA A 58 -24.10 9.72 13.36
C ALA A 58 -25.54 9.31 13.31
N LYS A 59 -25.88 8.66 12.18
CA LYS A 59 -27.18 8.02 11.92
C LYS A 59 -27.60 6.89 12.87
N GLN A 60 -26.62 6.24 13.49
CA GLN A 60 -26.87 5.22 14.51
C GLN A 60 -27.33 5.70 15.88
N HIS A 61 -27.27 7.02 16.17
CA HIS A 61 -27.73 7.71 17.41
C HIS A 61 -27.34 7.11 18.75
N GLY A 62 -26.06 6.80 18.92
CA GLY A 62 -25.58 6.28 20.21
C GLY A 62 -25.34 4.79 20.29
N LYS A 63 -25.73 4.07 19.26
CA LYS A 63 -25.45 2.60 19.20
C LYS A 63 -23.97 2.19 18.92
N VAL A 64 -23.27 3.14 18.29
CA VAL A 64 -21.85 3.09 17.97
C VAL A 64 -21.27 4.53 18.07
N VAL A 65 -20.04 4.66 18.59
CA VAL A 65 -19.32 5.97 18.54
C VAL A 65 -18.08 5.91 17.66
N MET A 66 -17.59 7.07 17.24
CA MET A 66 -16.39 7.21 16.40
C MET A 66 -15.38 8.14 17.02
N ALA A 67 -14.22 7.56 17.37
CA ALA A 67 -13.07 8.24 17.87
C ALA A 67 -12.05 8.50 16.76
N LYS A 68 -11.89 9.76 16.39
CA LYS A 68 -10.94 10.13 15.35
C LYS A 68 -9.60 10.39 16.00
N VAL A 69 -8.56 9.75 15.46
CA VAL A 69 -7.20 9.95 15.97
C VAL A 69 -6.25 10.47 14.84
N ASP A 70 -5.84 11.72 14.96
CA ASP A 70 -4.86 12.27 14.08
C ASP A 70 -3.52 11.71 14.55
N ILE A 71 -2.96 10.91 13.65
CA ILE A 71 -1.67 10.19 13.75
C ILE A 71 -0.44 11.10 13.93
N ASP A 72 -0.49 12.34 13.40
CA ASP A 72 0.56 13.29 13.63
C ASP A 72 0.43 13.90 15.03
N ASP A 73 -0.81 14.17 15.49
CA ASP A 73 -1.02 14.84 16.81
C ASP A 73 -0.78 13.87 17.98
N HIS A 74 -0.92 12.56 17.72
CA HIS A 74 -1.07 11.50 18.72
C HIS A 74 -0.35 10.28 18.19
N THR A 75 0.95 10.45 17.91
CA THR A 75 1.87 9.42 17.46
C THR A 75 2.04 8.19 18.38
N ASP A 76 1.92 8.40 19.72
CA ASP A 76 1.83 7.28 20.73
C ASP A 76 0.76 6.22 20.57
N LEU A 77 -0.43 6.70 20.20
CA LEU A 77 -1.58 5.83 19.93
C LEU A 77 -1.44 4.93 18.69
N ALA A 78 -0.71 5.44 17.68
CA ALA A 78 -0.38 4.73 16.44
C ALA A 78 0.65 3.68 16.65
N ILE A 79 1.57 4.00 17.54
CA ILE A 79 2.60 3.09 18.00
C ILE A 79 1.95 1.90 18.77
N GLU A 80 1.13 2.25 19.76
CA GLU A 80 0.40 1.24 20.58
C GLU A 80 -0.53 0.28 19.79
N TYR A 81 -1.25 0.87 18.84
CA TYR A 81 -2.23 0.10 18.09
C TYR A 81 -1.71 -0.58 16.81
N GLU A 82 -0.39 -0.42 16.56
CA GLU A 82 0.39 -0.99 15.45
C GLU A 82 -0.15 -0.62 14.06
N VAL A 83 -0.53 0.66 13.94
CA VAL A 83 -1.01 1.25 12.72
C VAL A 83 0.19 1.41 11.80
N SER A 84 0.11 0.90 10.57
CA SER A 84 1.26 0.88 9.65
C SER A 84 1.02 1.78 8.45
N ALA A 85 -0.22 2.23 8.29
CA ALA A 85 -0.67 3.00 7.11
C ALA A 85 -1.92 3.78 7.45
N VAL A 86 -2.20 4.86 6.71
CA VAL A 86 -3.48 5.54 6.87
C VAL A 86 -4.33 5.52 5.58
N PRO A 87 -5.68 5.44 5.69
CA PRO A 87 -6.62 5.24 6.86
C PRO A 87 -6.66 3.85 7.41
N THR A 88 -6.63 3.76 8.75
CA THR A 88 -6.87 2.51 9.47
C THR A 88 -8.03 2.74 10.42
N VAL A 89 -9.01 1.86 10.32
CA VAL A 89 -10.18 1.88 11.19
C VAL A 89 -10.22 0.58 12.05
N LEU A 90 -10.28 0.71 13.38
CA LEU A 90 -10.46 -0.45 14.24
C LEU A 90 -11.87 -0.49 14.81
N ALA A 91 -12.51 -1.66 14.80
CA ALA A 91 -13.68 -1.87 15.69
C ALA A 91 -13.18 -2.34 17.03
N MET A 92 -13.62 -1.64 18.10
CA MET A 92 -13.35 -1.97 19.48
C MET A 92 -14.59 -2.19 20.33
N LYS A 93 -14.52 -3.18 21.22
CA LYS A 93 -15.60 -3.45 22.19
C LYS A 93 -14.98 -4.02 23.44
N ASN A 94 -15.27 -3.36 24.58
CA ASN A 94 -14.83 -3.66 25.96
C ASN A 94 -13.33 -3.63 26.15
N GLY A 95 -12.68 -2.73 25.41
CA GLY A 95 -11.25 -2.58 25.37
C GLY A 95 -10.55 -3.41 24.31
N ASP A 96 -11.25 -4.35 23.68
CA ASP A 96 -10.56 -5.28 22.79
C ASP A 96 -10.72 -4.88 21.33
N VAL A 97 -9.69 -5.01 20.48
CA VAL A 97 -9.83 -4.81 19.04
C VAL A 97 -10.50 -6.05 18.45
N VAL A 98 -11.64 -5.87 17.79
CA VAL A 98 -12.48 -7.00 17.37
C VAL A 98 -12.66 -7.09 15.86
N ASP A 99 -12.33 -6.03 15.11
CA ASP A 99 -12.25 -6.07 13.62
C ASP A 99 -11.33 -4.93 13.20
N LYS A 100 -10.88 -4.95 11.95
CA LYS A 100 -10.02 -3.90 11.37
C LYS A 100 -10.18 -3.87 9.84
N PHE A 101 -10.22 -2.66 9.24
CA PHE A 101 -9.77 -2.47 7.86
C PHE A 101 -8.77 -1.33 7.67
N VAL A 102 -8.08 -1.39 6.54
CA VAL A 102 -7.16 -0.37 6.05
C VAL A 102 -7.67 0.18 4.69
N GLY A 103 -7.72 1.50 4.55
CA GLY A 103 -7.96 2.11 3.25
C GLY A 103 -9.39 2.53 3.10
N ILE A 104 -9.74 2.92 1.90
CA ILE A 104 -11.07 3.41 1.63
C ILE A 104 -12.14 2.29 1.47
N LYS A 105 -13.33 2.47 2.08
CA LYS A 105 -14.48 1.64 1.84
C LYS A 105 -15.64 2.49 1.35
N ASP A 106 -16.55 1.87 0.58
CA ASP A 106 -17.81 2.52 0.13
C ASP A 106 -18.93 2.41 1.17
N GLU A 107 -20.12 2.92 0.89
CA GLU A 107 -21.21 2.97 1.88
C GLU A 107 -21.89 1.66 2.22
N ASP A 108 -21.88 0.72 1.27
CA ASP A 108 -22.42 -0.64 1.48
C ASP A 108 -21.47 -1.46 2.33
N GLN A 109 -20.17 -1.27 2.09
CA GLN A 109 -19.09 -1.85 2.88
C GLN A 109 -19.03 -1.40 4.33
N LEU A 110 -19.21 -0.10 4.55
CA LEU A 110 -19.23 0.48 5.89
C LEU A 110 -20.42 0.04 6.76
N GLU A 111 -21.55 -0.14 6.11
CA GLU A 111 -22.80 -0.60 6.70
C GLU A 111 -22.70 -2.02 7.15
N ALA A 112 -22.01 -2.82 6.34
CA ALA A 112 -21.77 -4.22 6.64
C ALA A 112 -20.82 -4.34 7.85
N PHE A 113 -19.80 -3.49 7.93
CA PHE A 113 -18.81 -3.44 9.01
C PHE A 113 -19.43 -3.02 10.34
N LEU A 114 -20.31 -2.02 10.27
CA LEU A 114 -20.95 -1.47 11.42
C LEU A 114 -22.05 -2.41 11.93
N LYS A 115 -22.75 -3.12 11.05
CA LYS A 115 -23.78 -4.11 11.48
C LYS A 115 -23.19 -5.36 12.14
N LYS A 116 -21.97 -5.73 11.68
CA LYS A 116 -21.19 -6.84 12.26
C LYS A 116 -20.72 -6.59 13.70
N LEU A 117 -20.43 -5.32 13.97
CA LEU A 117 -20.02 -4.78 15.28
C LEU A 117 -21.22 -4.60 16.24
N ILE A 118 -22.27 -3.93 15.76
CA ILE A 118 -23.44 -3.53 16.58
C ILE A 118 -24.33 -4.73 16.90
N GLY A 119 -24.64 -5.53 15.89
CA GLY A 119 -25.57 -6.66 16.07
C GLY A 119 -26.80 -6.55 15.25
N HIS B 10 27.08 23.06 9.50
CA HIS B 10 27.12 21.75 10.19
C HIS B 10 27.68 20.66 9.26
N GLY B 11 28.59 19.85 9.79
CA GLY B 11 29.48 19.05 8.96
C GLY B 11 29.00 17.75 8.34
N SER B 12 27.85 17.24 8.81
CA SER B 12 27.30 15.93 8.41
C SER B 12 26.51 15.97 7.10
N THR B 13 26.73 14.97 6.25
CA THR B 13 25.90 14.76 5.05
C THR B 13 24.50 14.17 5.37
N THR B 14 24.28 13.64 6.58
CA THR B 14 22.97 13.04 6.96
C THR B 14 22.42 13.79 8.17
N PHE B 15 21.18 14.26 8.12
CA PHE B 15 20.69 15.23 9.16
C PHE B 15 19.18 15.14 9.28
N ASN B 16 18.65 15.50 10.44
CA ASN B 16 17.20 15.65 10.61
C ASN B 16 16.78 17.07 10.22
N ILE B 17 15.71 17.20 9.43
CA ILE B 17 15.11 18.53 9.12
C ILE B 17 14.37 19.01 10.36
N GLN B 18 14.77 20.19 10.86
CA GLN B 18 14.25 20.73 12.15
C GLN B 18 12.95 21.52 12.10
N ASP B 19 12.71 22.20 10.98
CA ASP B 19 11.56 23.11 10.71
C ASP B 19 11.45 23.43 9.20
N GLY B 20 10.47 24.28 8.87
CA GLY B 20 10.35 24.97 7.55
C GLY B 20 11.57 25.72 6.92
N PRO B 21 12.13 26.76 7.61
CA PRO B 21 13.43 27.40 7.22
C PRO B 21 14.64 26.45 7.00
N ASP B 22 14.76 25.42 7.85
CA ASP B 22 15.75 24.36 7.75
C ASP B 22 15.63 23.57 6.46
N PHE B 23 14.39 23.22 6.06
CA PHE B 23 14.11 22.65 4.71
C PHE B 23 14.49 23.57 3.54
N GLN B 24 14.23 24.86 3.67
CA GLN B 24 14.54 25.84 2.64
C GLN B 24 16.03 26.05 2.42
N ASP B 25 16.76 26.09 3.53
CA ASP B 25 18.21 26.15 3.55
C ASP B 25 18.84 24.81 3.10
N ARG B 26 18.51 23.72 3.76
CA ARG B 26 19.32 22.50 3.56
C ARG B 26 18.89 21.57 2.40
N VAL B 27 17.64 21.70 1.95
CA VAL B 27 17.12 20.98 0.75
C VAL B 27 16.92 21.87 -0.46
N VAL B 28 15.97 22.84 -0.41
CA VAL B 28 15.55 23.66 -1.60
C VAL B 28 16.79 24.43 -2.24
N ASN B 29 17.68 24.91 -1.37
CA ASN B 29 18.87 25.70 -1.75
C ASN B 29 20.20 24.97 -1.54
N SER B 30 20.20 23.64 -1.56
CA SER B 30 21.44 22.88 -1.48
C SER B 30 22.22 22.94 -2.82
N GLU B 31 23.56 22.91 -2.79
CA GLU B 31 24.38 22.95 -4.03
C GLU B 31 24.81 21.51 -4.42
N THR B 32 24.40 20.53 -3.62
CA THR B 32 24.62 19.13 -3.92
C THR B 32 23.19 18.54 -4.02
N PRO B 33 23.00 17.45 -4.80
CA PRO B 33 21.81 16.62 -4.75
C PRO B 33 21.43 16.06 -3.41
N VAL B 34 20.12 15.91 -3.21
CA VAL B 34 19.54 15.64 -1.90
C VAL B 34 18.57 14.48 -2.08
N VAL B 35 18.71 13.54 -1.17
CA VAL B 35 17.73 12.52 -0.88
C VAL B 35 16.91 12.90 0.39
N VAL B 36 15.57 12.90 0.26
CA VAL B 36 14.64 13.34 1.29
C VAL B 36 13.83 12.15 1.81
N ASP B 37 14.06 11.74 3.07
CA ASP B 37 13.46 10.55 3.63
C ASP B 37 12.32 10.93 4.56
N PHE B 38 11.11 10.72 4.05
CA PHE B 38 9.87 10.88 4.78
C PHE B 38 9.62 9.60 5.57
N HIS B 39 9.68 9.71 6.90
CA HIS B 39 9.55 8.51 7.76
C HIS B 39 8.64 8.68 8.95
N ALA B 40 8.26 7.61 9.61
CA ALA B 40 7.49 7.73 10.85
C ALA B 40 7.90 6.70 11.87
N GLN B 41 7.78 7.03 13.16
CA GLN B 41 8.15 6.14 14.26
C GLN B 41 7.23 4.92 14.43
N TRP B 42 5.96 5.08 14.03
CA TRP B 42 5.03 3.94 13.89
C TRP B 42 5.22 3.02 12.67
N CYS B 43 6.13 3.34 11.76
CA CYS B 43 6.28 2.57 10.54
C CYS B 43 7.50 1.67 10.60
N GLY B 44 7.21 0.39 10.82
CA GLY B 44 8.14 -0.76 10.66
C GLY B 44 9.21 -0.75 9.56
N PRO B 45 8.83 -0.84 8.24
CA PRO B 45 9.73 -0.68 7.05
C PRO B 45 10.76 0.48 7.05
N CYS B 46 10.41 1.64 7.65
CA CYS B 46 11.35 2.77 7.86
C CYS B 46 12.50 2.50 8.79
N LYS B 47 12.31 1.60 9.77
CA LYS B 47 13.44 1.11 10.62
C LYS B 47 14.47 0.25 9.88
N ILE B 48 14.08 -0.36 8.76
CA ILE B 48 15.00 -1.03 7.85
C ILE B 48 15.68 -0.06 6.86
N LEU B 49 14.85 0.67 6.09
CA LEU B 49 15.27 1.51 4.94
C LEU B 49 16.15 2.67 5.36
N GLY B 50 15.67 3.37 6.42
CA GLY B 50 16.31 4.46 7.16
C GLY B 50 17.81 4.36 7.39
N PRO B 51 18.29 3.43 8.25
CA PRO B 51 19.74 3.22 8.43
C PRO B 51 20.49 2.69 7.22
N ARG B 52 19.80 1.91 6.36
CA ARG B 52 20.36 1.38 5.11
C ARG B 52 20.75 2.48 4.10
N LEU B 53 19.83 3.44 3.94
CA LEU B 53 20.07 4.62 3.09
C LEU B 53 21.16 5.55 3.62
N GLU B 54 21.08 5.75 4.96
CA GLU B 54 22.00 6.55 5.77
C GLU B 54 23.41 6.18 5.58
N LYS B 55 23.69 4.87 5.69
CA LYS B 55 25.02 4.28 5.51
C LYS B 55 25.56 4.45 4.09
N MET B 56 24.67 4.26 3.13
CA MET B 56 25.04 4.41 1.72
C MET B 56 25.30 5.83 1.29
N VAL B 57 24.51 6.76 1.86
CA VAL B 57 24.76 8.22 1.65
C VAL B 57 26.11 8.71 2.26
N ALA B 58 26.37 8.27 3.49
CA ALA B 58 27.63 8.50 4.23
C ALA B 58 28.93 8.14 3.50
N LYS B 59 28.88 6.99 2.82
CA LYS B 59 29.94 6.47 1.96
C LYS B 59 30.25 7.26 0.66
N GLN B 60 29.34 8.16 0.25
CA GLN B 60 29.58 9.03 -0.89
C GLN B 60 30.34 10.33 -0.58
N HIS B 61 30.65 10.55 0.70
CA HIS B 61 31.46 11.65 1.28
C HIS B 61 31.16 13.12 0.87
N GLY B 62 29.91 13.52 0.82
CA GLY B 62 29.65 14.86 0.24
C GLY B 62 29.07 14.97 -1.15
N LYS B 63 29.11 13.89 -1.92
CA LYS B 63 28.48 13.91 -3.28
C LYS B 63 26.91 13.91 -3.27
N VAL B 64 26.34 13.42 -2.18
CA VAL B 64 24.85 13.48 -1.99
C VAL B 64 24.58 13.76 -0.50
N VAL B 65 23.49 14.49 -0.20
CA VAL B 65 23.09 14.81 1.17
C VAL B 65 21.77 14.04 1.52
N MET B 66 21.57 13.65 2.79
CA MET B 66 20.31 13.00 3.23
C MET B 66 19.57 13.83 4.25
N ALA B 67 18.38 14.31 3.85
CA ALA B 67 17.52 15.09 4.72
C ALA B 67 16.38 14.22 5.29
N LYS B 68 16.38 13.89 6.58
CA LYS B 68 15.35 13.03 7.14
C LYS B 68 14.24 13.94 7.63
N VAL B 69 12.99 13.55 7.33
CA VAL B 69 11.80 14.33 7.63
C VAL B 69 10.82 13.39 8.36
N ASP B 70 10.61 13.56 9.67
CA ASP B 70 9.61 12.83 10.40
C ASP B 70 8.29 13.51 10.01
N ILE B 71 7.38 12.70 9.44
CA ILE B 71 6.10 13.26 8.90
C ILE B 71 5.11 13.72 9.92
N ASP B 72 5.20 13.17 11.14
CA ASP B 72 4.35 13.56 12.24
C ASP B 72 4.80 14.88 12.87
N ASP B 73 6.10 15.19 12.75
CA ASP B 73 6.66 16.45 13.25
C ASP B 73 6.61 17.54 12.17
N HIS B 74 6.29 17.16 10.91
CA HIS B 74 6.36 18.03 9.69
C HIS B 74 5.30 17.76 8.65
N THR B 75 4.03 17.94 9.02
CA THR B 75 2.83 17.69 8.22
C THR B 75 2.70 18.54 6.93
N ASP B 76 3.06 19.84 7.04
CA ASP B 76 3.22 20.83 5.93
C ASP B 76 3.96 20.34 4.67
N LEU B 77 5.12 19.74 4.93
CA LEU B 77 6.08 19.21 3.94
C LEU B 77 5.53 18.00 3.20
N ALA B 78 4.78 17.14 3.91
CA ALA B 78 4.13 15.97 3.31
C ALA B 78 2.90 16.35 2.50
N ILE B 79 2.26 17.44 2.87
CA ILE B 79 1.20 18.04 2.06
C ILE B 79 1.79 18.67 0.77
N GLU B 80 2.90 19.39 0.92
CA GLU B 80 3.54 20.14 -0.19
C GLU B 80 4.08 19.20 -1.28
N TYR B 81 4.65 18.09 -0.81
CA TYR B 81 5.33 17.14 -1.68
C TYR B 81 4.49 15.93 -2.05
N GLU B 82 3.23 15.98 -1.60
CA GLU B 82 2.17 15.00 -1.83
C GLU B 82 2.55 13.59 -1.38
N VAL B 83 3.19 13.53 -0.21
CA VAL B 83 3.56 12.27 0.41
C VAL B 83 2.26 11.65 0.99
N SER B 84 2.01 10.38 0.66
CA SER B 84 0.72 9.70 0.95
C SER B 84 0.87 8.51 1.85
N ALA B 85 2.12 8.08 2.02
CA ALA B 85 2.51 6.87 2.77
C ALA B 85 3.97 6.97 3.05
N VAL B 86 4.41 6.19 4.05
CA VAL B 86 5.79 6.16 4.43
C VAL B 86 6.34 4.70 4.33
N PRO B 87 7.64 4.51 4.02
CA PRO B 87 8.76 5.45 3.55
C PRO B 87 8.52 6.00 2.17
N THR B 88 8.58 7.33 2.05
CA THR B 88 8.71 7.95 0.75
C THR B 88 10.09 8.60 0.67
N VAL B 89 10.82 8.25 -0.37
CA VAL B 89 12.10 8.92 -0.62
C VAL B 89 12.04 9.72 -1.97
N LEU B 90 12.26 11.05 -1.92
CA LEU B 90 12.43 11.93 -3.11
C LEU B 90 13.91 12.17 -3.37
N ALA B 91 14.28 12.22 -4.65
CA ALA B 91 15.59 12.73 -5.09
C ALA B 91 15.38 14.15 -5.64
N MET B 92 16.21 15.07 -5.15
CA MET B 92 16.03 16.52 -5.42
C MET B 92 17.34 17.18 -5.88
N LYS B 93 17.20 18.14 -6.79
CA LYS B 93 18.30 18.83 -7.41
C LYS B 93 17.85 20.19 -7.89
N ASN B 94 18.49 21.23 -7.35
CA ASN B 94 18.23 22.67 -7.63
C ASN B 94 16.80 23.10 -7.31
N GLY B 95 16.25 22.57 -6.22
CA GLY B 95 14.93 22.90 -5.79
C GLY B 95 13.82 22.00 -6.32
N ASP B 96 14.13 21.07 -7.23
CA ASP B 96 13.11 20.29 -7.98
C ASP B 96 13.22 18.78 -7.73
N VAL B 97 12.09 18.11 -7.53
CA VAL B 97 12.02 16.64 -7.46
C VAL B 97 12.26 15.95 -8.81
N VAL B 98 13.34 15.17 -8.88
CA VAL B 98 13.78 14.52 -10.11
C VAL B 98 13.61 12.98 -10.15
N ASP B 99 13.31 12.36 -8.99
CA ASP B 99 13.03 10.93 -8.85
C ASP B 99 12.26 10.70 -7.57
N LYS B 100 11.63 9.54 -7.48
CA LYS B 100 10.83 9.14 -6.31
C LYS B 100 10.86 7.60 -6.13
N PHE B 101 10.97 7.10 -4.89
CA PHE B 101 10.37 5.77 -4.54
C PHE B 101 9.52 5.70 -3.25
N VAL B 102 8.70 4.64 -3.15
CA VAL B 102 7.92 4.36 -1.94
C VAL B 102 8.31 2.95 -1.43
N GLY B 103 8.57 2.78 -0.13
CA GLY B 103 8.77 1.41 0.44
C GLY B 103 10.24 1.09 0.54
N ILE B 104 10.57 -0.15 0.94
CA ILE B 104 11.96 -0.58 1.17
C ILE B 104 12.59 -0.91 -0.18
N LYS B 105 13.88 -0.61 -0.35
CA LYS B 105 14.69 -1.15 -1.41
C LYS B 105 15.89 -1.84 -0.78
N ASP B 106 16.50 -2.78 -1.49
CA ASP B 106 17.75 -3.38 -1.03
C ASP B 106 19.01 -2.50 -1.37
N GLU B 107 20.21 -2.98 -1.07
CA GLU B 107 21.41 -2.17 -1.31
C GLU B 107 21.80 -2.00 -2.79
N ASP B 108 21.54 -3.01 -3.64
CA ASP B 108 21.73 -2.91 -5.12
C ASP B 108 20.83 -1.84 -5.82
N GLN B 109 19.55 -1.90 -5.47
CA GLN B 109 18.56 -0.90 -5.85
C GLN B 109 18.80 0.52 -5.33
N LEU B 110 19.22 0.67 -4.04
CA LEU B 110 19.65 1.96 -3.48
C LEU B 110 20.92 2.49 -4.09
N GLU B 111 21.83 1.60 -4.48
CA GLU B 111 23.05 1.95 -5.25
C GLU B 111 22.68 2.55 -6.60
N ALA B 112 21.72 1.93 -7.34
CA ALA B 112 21.28 2.43 -8.68
C ALA B 112 20.57 3.81 -8.66
N PHE B 113 19.68 3.98 -7.67
CA PHE B 113 18.97 5.23 -7.35
C PHE B 113 19.91 6.41 -7.11
N LEU B 114 20.94 6.16 -6.31
CA LEU B 114 21.97 7.19 -6.04
C LEU B 114 22.91 7.46 -7.20
N LYS B 115 23.32 6.43 -7.98
CA LYS B 115 24.08 6.64 -9.26
C LYS B 115 23.31 7.41 -10.34
N LYS B 116 22.01 7.17 -10.46
CA LYS B 116 21.08 7.99 -11.34
C LYS B 116 20.97 9.50 -10.97
N LEU B 117 21.01 9.76 -9.67
CA LEU B 117 20.98 11.13 -9.16
C LEU B 117 22.38 11.83 -9.23
N ILE B 118 23.42 11.16 -8.74
CA ILE B 118 24.79 11.73 -8.69
C ILE B 118 25.47 11.79 -10.09
N GLY B 119 25.30 10.75 -10.91
CA GLY B 119 26.09 10.60 -12.16
C GLY B 119 27.21 9.64 -12.11
N THR C 13 27.20 19.97 -31.33
CA THR C 13 26.82 18.54 -31.05
C THR C 13 25.46 18.40 -30.30
N THR C 14 24.77 19.51 -30.07
CA THR C 14 23.49 19.54 -29.35
C THR C 14 22.53 20.60 -29.97
N PHE C 15 21.29 20.19 -30.30
CA PHE C 15 20.29 21.03 -31.05
C PHE C 15 18.85 20.56 -30.83
N ASN C 16 17.88 21.46 -31.07
CA ASN C 16 16.46 21.20 -30.80
C ASN C 16 15.73 21.06 -32.10
N ILE C 17 14.97 19.97 -32.27
CA ILE C 17 14.19 19.67 -33.50
C ILE C 17 12.95 20.58 -33.61
N GLN C 18 12.86 21.31 -34.73
CA GLN C 18 11.85 22.37 -34.90
C GLN C 18 10.52 21.86 -35.44
N ASP C 19 10.60 21.03 -36.47
CA ASP C 19 9.42 20.34 -37.07
C ASP C 19 9.79 18.99 -37.73
N GLY C 20 8.82 18.42 -38.44
CA GLY C 20 9.00 17.32 -39.40
C GLY C 20 10.18 17.30 -40.39
N PRO C 21 10.28 18.30 -41.32
CA PRO C 21 11.44 18.32 -42.22
C PRO C 21 12.79 18.65 -41.59
N ASP C 22 12.82 19.34 -40.45
CA ASP C 22 14.03 19.48 -39.58
C ASP C 22 14.60 18.15 -39.07
N PHE C 23 13.72 17.25 -38.64
CA PHE C 23 14.07 15.88 -38.25
C PHE C 23 14.56 15.06 -39.45
N GLN C 24 13.90 15.18 -40.61
CA GLN C 24 14.35 14.54 -41.83
C GLN C 24 15.76 15.06 -42.31
N ASP C 25 15.98 16.38 -42.19
CA ASP C 25 17.32 17.04 -42.46
C ASP C 25 18.42 16.60 -41.49
N ARG C 26 18.19 16.77 -40.20
CA ARG C 26 19.30 16.75 -39.24
C ARG C 26 19.49 15.43 -38.53
N VAL C 27 18.50 14.54 -38.60
CA VAL C 27 18.61 13.22 -37.92
C VAL C 27 18.71 12.11 -38.94
N VAL C 28 17.69 12.02 -39.81
CA VAL C 28 17.55 10.95 -40.86
C VAL C 28 18.67 11.08 -41.88
N ASN C 29 18.92 12.30 -42.30
CA ASN C 29 20.00 12.57 -43.27
C ASN C 29 21.29 13.11 -42.60
N SER C 30 21.52 12.73 -41.34
CA SER C 30 22.79 13.08 -40.67
C SER C 30 23.93 12.18 -41.10
N GLU C 31 25.13 12.71 -41.06
CA GLU C 31 26.32 11.97 -41.48
C GLU C 31 27.02 11.37 -40.27
N THR C 32 26.92 12.09 -39.16
CA THR C 32 27.39 11.74 -37.84
C THR C 32 26.26 10.87 -37.24
N PRO C 33 26.60 9.83 -36.40
CA PRO C 33 25.60 9.17 -35.51
C PRO C 33 24.89 10.15 -34.52
N VAL C 34 23.59 9.96 -34.32
CA VAL C 34 22.71 10.83 -33.51
C VAL C 34 22.11 10.11 -32.30
N VAL C 35 22.23 10.70 -31.11
CA VAL C 35 21.27 10.37 -30.03
C VAL C 35 20.03 11.29 -30.01
N VAL C 36 18.85 10.67 -29.88
CA VAL C 36 17.63 11.48 -29.95
C VAL C 36 16.90 11.52 -28.61
N ASP C 37 16.85 12.71 -28.00
CA ASP C 37 16.41 12.91 -26.60
C ASP C 37 14.97 13.37 -26.60
N PHE C 38 14.08 12.43 -26.31
CA PHE C 38 12.67 12.75 -26.17
C PHE C 38 12.45 13.20 -24.73
N HIS C 39 11.97 14.44 -24.55
CA HIS C 39 11.86 15.08 -23.26
C HIS C 39 10.60 15.97 -23.17
N ALA C 40 10.29 16.47 -21.96
CA ALA C 40 9.11 17.28 -21.65
C ALA C 40 9.34 18.08 -20.39
N GLN C 41 8.74 19.27 -20.26
CA GLN C 41 9.08 20.21 -19.14
C GLN C 41 8.41 19.83 -17.82
N TRP C 42 7.32 19.07 -17.90
CA TRP C 42 6.68 18.42 -16.73
C TRP C 42 7.41 17.16 -16.23
N CYS C 43 8.41 16.69 -16.95
CA CYS C 43 9.17 15.53 -16.54
C CYS C 43 10.39 15.96 -15.72
N GLY C 44 10.24 15.74 -14.42
CA GLY C 44 11.30 15.54 -13.40
C GLY C 44 12.65 14.98 -13.78
N PRO C 45 12.75 13.67 -14.15
CA PRO C 45 13.96 12.99 -14.65
C PRO C 45 14.75 13.64 -15.78
N CYS C 46 14.04 14.33 -16.71
CA CYS C 46 14.64 15.15 -17.78
C CYS C 46 15.55 16.29 -17.37
N LYS C 47 15.33 16.84 -16.17
CA LYS C 47 16.20 17.85 -15.54
C LYS C 47 17.58 17.30 -15.17
N ILE C 48 17.67 16.01 -14.89
CA ILE C 48 18.92 15.30 -14.71
C ILE C 48 19.56 14.86 -16.04
N LEU C 49 18.76 14.15 -16.87
CA LEU C 49 19.23 13.39 -18.04
C LEU C 49 19.71 14.33 -19.14
N GLY C 50 18.89 15.37 -19.37
CA GLY C 50 19.17 16.51 -20.22
C GLY C 50 20.56 17.08 -20.28
N PRO C 51 20.97 17.80 -19.21
CA PRO C 51 22.37 18.19 -18.98
C PRO C 51 23.43 17.08 -18.89
N ARG C 52 23.12 15.87 -18.39
CA ARG C 52 24.08 14.73 -18.34
C ARG C 52 24.44 14.18 -19.73
N LEU C 53 23.39 13.99 -20.54
CA LEU C 53 23.51 13.79 -21.99
C LEU C 53 24.27 14.87 -22.74
N GLU C 54 24.10 16.13 -22.39
CA GLU C 54 24.86 17.22 -23.04
C GLU C 54 26.35 17.23 -22.72
N LYS C 55 26.67 16.85 -21.48
CA LYS C 55 28.05 16.57 -21.02
C LYS C 55 28.71 15.37 -21.73
N MET C 56 28.04 14.22 -21.73
CA MET C 56 28.65 12.99 -22.28
C MET C 56 28.76 12.97 -23.83
N VAL C 57 27.89 13.73 -24.52
CA VAL C 57 27.98 13.94 -25.98
C VAL C 57 29.18 14.83 -26.36
N ALA C 58 29.34 15.98 -25.66
CA ALA C 58 30.49 16.93 -25.81
C ALA C 58 31.91 16.38 -25.63
N LYS C 59 32.03 15.42 -24.72
CA LYS C 59 33.23 14.54 -24.53
C LYS C 59 33.65 13.74 -25.79
N GLN C 60 32.69 13.35 -26.62
CA GLN C 60 32.99 12.63 -27.86
C GLN C 60 33.55 13.44 -29.05
N HIS C 61 33.59 14.78 -28.94
CA HIS C 61 34.24 15.75 -29.90
C HIS C 61 33.74 15.78 -31.35
N GLY C 62 32.42 15.69 -31.54
CA GLY C 62 31.88 15.75 -32.89
C GLY C 62 31.55 14.40 -33.49
N LYS C 63 31.93 13.32 -32.81
CA LYS C 63 31.64 11.98 -33.27
C LYS C 63 30.19 11.54 -33.02
N VAL C 64 29.51 12.16 -32.04
CA VAL C 64 28.05 12.06 -31.84
C VAL C 64 27.47 13.47 -31.81
N VAL C 65 26.24 13.58 -32.27
CA VAL C 65 25.42 14.75 -32.29
C VAL C 65 24.16 14.39 -31.42
N MET C 66 23.52 15.39 -30.82
CA MET C 66 22.33 15.14 -29.98
C MET C 66 21.17 15.98 -30.44
N ALA C 67 20.07 15.34 -30.81
CA ALA C 67 18.86 16.07 -31.25
C ALA C 67 17.82 15.99 -30.17
N LYS C 68 17.39 17.14 -29.68
CA LYS C 68 16.45 17.19 -28.58
C LYS C 68 15.09 17.32 -29.22
N VAL C 69 14.16 16.45 -28.84
CA VAL C 69 12.77 16.51 -29.29
C VAL C 69 11.84 16.68 -28.08
N ASP C 70 11.34 17.90 -27.89
CA ASP C 70 10.22 18.18 -26.98
C ASP C 70 8.94 17.45 -27.44
N ILE C 71 8.53 16.45 -26.66
CA ILE C 71 7.45 15.51 -27.02
C ILE C 71 6.02 16.08 -27.12
N ASP C 72 5.81 17.20 -26.39
CA ASP C 72 4.58 17.95 -26.39
C ASP C 72 4.30 18.72 -27.70
N ASP C 73 5.38 19.09 -28.40
CA ASP C 73 5.29 19.83 -29.63
C ASP C 73 5.53 18.91 -30.84
N HIS C 74 5.83 17.65 -30.58
CA HIS C 74 6.11 16.67 -31.66
C HIS C 74 5.52 15.30 -31.42
N THR C 75 4.21 15.28 -31.22
CA THR C 75 3.28 14.13 -31.25
C THR C 75 3.56 13.06 -32.31
N ASP C 76 3.73 13.53 -33.57
CA ASP C 76 4.02 12.73 -34.76
C ASP C 76 5.27 11.81 -34.68
N LEU C 77 6.39 12.40 -34.26
CA LEU C 77 7.70 11.75 -34.10
C LEU C 77 7.72 10.69 -32.97
N ALA C 78 6.96 10.95 -31.91
CA ALA C 78 6.78 9.96 -30.83
C ALA C 78 5.90 8.78 -31.19
N ILE C 79 4.80 9.04 -31.91
CA ILE C 79 3.97 8.00 -32.59
C ILE C 79 4.80 7.15 -33.60
N GLU C 80 5.65 7.85 -34.39
CA GLU C 80 6.57 7.21 -35.34
C GLU C 80 7.61 6.25 -34.74
N TYR C 81 8.22 6.65 -33.65
CA TYR C 81 9.31 5.90 -33.05
C TYR C 81 8.90 5.10 -31.82
N GLU C 82 7.56 4.98 -31.66
CA GLU C 82 6.84 4.28 -30.57
C GLU C 82 7.25 4.69 -29.16
N VAL C 83 7.39 6.00 -28.99
CA VAL C 83 7.79 6.59 -27.73
C VAL C 83 6.52 6.74 -26.89
N SER C 84 6.52 6.15 -25.71
CA SER C 84 5.32 6.10 -24.90
C SER C 84 5.61 6.61 -23.50
N ALA C 85 6.91 6.77 -23.22
CA ALA C 85 7.41 7.22 -21.93
C ALA C 85 8.52 8.26 -22.10
N VAL C 86 8.56 9.20 -21.18
CA VAL C 86 9.59 10.22 -21.21
C VAL C 86 10.43 10.12 -19.91
N PRO C 87 11.79 10.21 -19.99
CA PRO C 87 12.61 10.30 -21.22
C PRO C 87 12.91 9.02 -22.01
N THR C 88 13.02 9.17 -23.32
CA THR C 88 13.40 8.06 -24.17
C THR C 88 14.55 8.59 -24.97
N VAL C 89 15.66 7.83 -24.96
CA VAL C 89 16.79 8.13 -25.85
C VAL C 89 16.93 7.05 -26.92
N LEU C 90 16.88 7.44 -28.19
CA LEU C 90 17.17 6.56 -29.33
C LEU C 90 18.53 6.81 -29.94
N ALA C 91 19.27 5.75 -30.20
CA ALA C 91 20.50 5.86 -30.96
C ALA C 91 20.22 5.59 -32.44
N MET C 92 20.51 6.58 -33.31
CA MET C 92 20.34 6.47 -34.74
C MET C 92 21.66 6.56 -35.52
N LYS C 93 21.84 5.69 -36.52
CA LYS C 93 23.04 5.71 -37.39
C LYS C 93 22.68 5.25 -38.79
N ASN C 94 22.96 6.14 -39.75
CA ASN C 94 22.64 6.03 -41.21
C ASN C 94 21.14 5.89 -41.49
N GLY C 95 20.36 6.64 -40.71
CA GLY C 95 18.90 6.60 -40.76
C GLY C 95 18.16 5.71 -39.77
N ASP C 96 18.81 4.64 -39.28
CA ASP C 96 18.07 3.57 -38.55
C ASP C 96 18.29 3.55 -37.03
N VAL C 97 17.24 3.23 -36.26
CA VAL C 97 17.34 2.98 -34.80
C VAL C 97 18.10 1.70 -34.47
N VAL C 98 19.32 1.91 -33.97
CA VAL C 98 20.25 0.84 -33.69
C VAL C 98 20.29 0.42 -32.20
N ASP C 99 19.86 1.34 -31.31
CA ASP C 99 19.80 1.14 -29.85
C ASP C 99 18.79 2.12 -29.23
N LYS C 100 18.24 1.75 -28.07
CA LYS C 100 17.46 2.64 -27.23
C LYS C 100 17.62 2.42 -25.71
N PHE C 101 17.29 3.47 -24.93
CA PHE C 101 16.96 3.32 -23.51
C PHE C 101 15.82 4.25 -23.03
N VAL C 102 15.29 3.93 -21.85
CA VAL C 102 14.22 4.70 -21.22
C VAL C 102 14.75 5.05 -19.84
N GLY C 103 14.30 6.16 -19.26
CA GLY C 103 14.73 6.56 -17.94
C GLY C 103 16.14 7.16 -17.87
N ILE C 104 16.70 7.17 -16.67
CA ILE C 104 18.00 7.81 -16.46
C ILE C 104 19.11 6.74 -16.59
N LYS C 105 20.22 7.14 -17.22
CA LYS C 105 21.48 6.46 -17.06
C LYS C 105 22.54 7.36 -16.36
N ASP C 106 23.46 6.72 -15.62
CA ASP C 106 24.66 7.46 -15.10
C ASP C 106 25.71 7.70 -16.19
N GLU C 107 26.80 8.41 -15.87
CA GLU C 107 27.89 8.79 -16.83
C GLU C 107 28.65 7.65 -17.48
N ASP C 108 28.94 6.60 -16.70
CA ASP C 108 29.59 5.38 -17.17
C ASP C 108 28.78 4.60 -18.20
N GLN C 109 27.49 4.41 -17.87
CA GLN C 109 26.46 3.85 -18.73
C GLN C 109 26.22 4.64 -20.03
N LEU C 110 26.26 5.97 -19.93
CA LEU C 110 26.16 6.86 -21.08
C LEU C 110 27.37 6.82 -22.00
N GLU C 111 28.58 6.76 -21.41
CA GLU C 111 29.85 6.57 -22.13
C GLU C 111 29.93 5.24 -22.91
N ALA C 112 29.38 4.18 -22.31
CA ALA C 112 29.26 2.87 -22.98
C ALA C 112 28.18 2.81 -24.07
N PHE C 113 27.18 3.70 -24.02
CA PHE C 113 26.10 3.70 -24.99
C PHE C 113 26.58 4.42 -26.21
N LEU C 114 27.29 5.52 -25.95
CA LEU C 114 27.81 6.42 -26.98
C LEU C 114 28.92 5.82 -27.78
N LYS C 115 29.87 5.15 -27.11
CA LYS C 115 30.98 4.43 -27.77
C LYS C 115 30.55 3.21 -28.59
N LYS C 116 29.47 2.53 -28.15
CA LYS C 116 28.84 1.44 -28.90
C LYS C 116 28.12 2.00 -30.12
N LEU C 117 27.51 3.18 -29.97
CA LEU C 117 26.97 3.93 -31.13
C LEU C 117 28.06 4.41 -32.16
N ILE C 118 29.26 4.78 -31.68
CA ILE C 118 30.34 5.26 -32.60
C ILE C 118 31.14 4.14 -33.31
N GLY C 119 31.86 3.35 -32.52
CA GLY C 119 32.95 2.49 -33.02
C GLY C 119 32.47 1.21 -33.66
N GLY D 11 -24.02 18.38 -19.70
CA GLY D 11 -24.74 17.52 -20.69
C GLY D 11 -24.07 16.16 -20.84
N SER D 12 -22.78 16.19 -21.15
CA SER D 12 -22.01 15.00 -21.13
C SER D 12 -21.25 14.96 -19.78
N THR D 13 -21.02 13.76 -19.28
CA THR D 13 -20.19 13.58 -18.10
C THR D 13 -18.64 13.58 -18.33
N THR D 14 -18.20 13.95 -19.55
CA THR D 14 -16.82 14.20 -20.01
C THR D 14 -16.65 15.58 -20.67
N PHE D 15 -15.65 16.35 -20.21
CA PHE D 15 -15.26 17.63 -20.82
C PHE D 15 -13.73 17.82 -20.95
N ASN D 16 -13.27 18.52 -21.98
CA ASN D 16 -11.85 18.86 -22.09
C ASN D 16 -11.53 20.26 -21.56
N ILE D 17 -10.60 20.30 -20.59
CA ILE D 17 -10.20 21.53 -19.86
C ILE D 17 -9.45 22.54 -20.76
N GLN D 18 -9.95 23.79 -20.83
CA GLN D 18 -9.47 24.79 -21.79
C GLN D 18 -8.18 25.48 -21.32
N ASP D 19 -8.17 25.87 -20.04
CA ASP D 19 -7.03 26.57 -19.39
C ASP D 19 -7.08 26.41 -17.86
N GLY D 20 -6.20 27.16 -17.17
CA GLY D 20 -6.20 27.38 -15.70
C GLY D 20 -7.51 27.71 -14.96
N PRO D 21 -8.12 28.90 -15.21
CA PRO D 21 -9.53 29.29 -14.91
C PRO D 21 -10.65 28.23 -15.15
N ASP D 22 -10.58 27.50 -16.28
CA ASP D 22 -11.51 26.40 -16.61
C ASP D 22 -11.36 25.21 -15.66
N PHE D 23 -10.10 24.90 -15.31
CA PHE D 23 -9.79 23.91 -14.25
C PHE D 23 -10.11 24.43 -12.85
N GLN D 24 -10.08 25.75 -12.65
CA GLN D 24 -10.56 26.35 -11.41
C GLN D 24 -12.08 26.28 -11.27
N ASP D 25 -12.82 26.56 -12.35
CA ASP D 25 -14.29 26.49 -12.34
C ASP D 25 -14.84 25.05 -12.39
N ARG D 26 -14.66 24.38 -13.53
CA ARG D 26 -15.31 23.08 -13.79
C ARG D 26 -14.71 21.84 -13.06
N VAL D 27 -13.56 21.98 -12.40
CA VAL D 27 -12.96 20.88 -11.65
C VAL D 27 -12.84 21.23 -10.19
N VAL D 28 -12.09 22.31 -9.91
CA VAL D 28 -11.77 22.76 -8.55
C VAL D 28 -13.04 23.26 -7.82
N ASN D 29 -13.88 24.04 -8.52
CA ASN D 29 -15.16 24.47 -7.95
C ASN D 29 -16.36 23.53 -8.25
N SER D 30 -16.09 22.31 -8.74
CA SER D 30 -17.15 21.31 -9.02
C SER D 30 -17.81 20.64 -7.81
N GLU D 31 -19.12 20.42 -7.95
CA GLU D 31 -20.05 20.00 -6.90
C GLU D 31 -20.26 18.48 -6.92
N THR D 32 -19.66 17.86 -7.92
CA THR D 32 -19.70 16.45 -8.18
C THR D 32 -18.22 16.04 -8.06
N PRO D 33 -17.93 14.83 -7.51
CA PRO D 33 -16.63 14.15 -7.66
C PRO D 33 -16.13 14.04 -9.09
N VAL D 34 -14.85 14.41 -9.28
CA VAL D 34 -14.22 14.55 -10.62
C VAL D 34 -13.12 13.50 -10.77
N VAL D 35 -13.09 12.79 -11.89
CA VAL D 35 -11.94 11.97 -12.24
C VAL D 35 -11.10 12.74 -13.31
N VAL D 36 -9.83 13.03 -13.02
CA VAL D 36 -9.08 13.87 -13.98
C VAL D 36 -8.09 13.03 -14.79
N ASP D 37 -8.35 12.87 -16.08
CA ASP D 37 -7.51 12.03 -16.93
C ASP D 37 -6.42 12.86 -17.65
N PHE D 38 -5.19 12.75 -17.16
CA PHE D 38 -4.06 13.41 -17.82
C PHE D 38 -3.60 12.50 -18.96
N HIS D 39 -3.84 12.93 -20.21
CA HIS D 39 -3.57 12.11 -21.39
C HIS D 39 -2.68 12.72 -22.49
N ALA D 40 -2.26 11.86 -23.38
CA ALA D 40 -1.31 12.24 -24.41
C ALA D 40 -1.76 11.63 -25.67
N GLN D 41 -1.67 12.43 -26.73
CA GLN D 41 -1.93 12.07 -28.12
C GLN D 41 -1.01 10.95 -28.73
N TRP D 42 0.13 10.66 -28.09
CA TRP D 42 1.21 9.75 -28.52
C TRP D 42 1.46 8.55 -27.62
N CYS D 43 0.72 8.47 -26.53
CA CYS D 43 0.92 7.40 -25.55
C CYS D 43 -0.10 6.34 -25.84
N GLY D 44 0.41 5.11 -25.93
CA GLY D 44 -0.33 3.87 -26.27
C GLY D 44 -1.48 3.52 -25.34
N PRO D 45 -1.18 3.11 -24.09
CA PRO D 45 -2.09 3.10 -22.89
C PRO D 45 -3.13 4.19 -22.67
N CYS D 46 -2.87 5.44 -23.08
CA CYS D 46 -3.85 6.55 -23.04
C CYS D 46 -5.09 6.39 -23.93
N LYS D 47 -4.91 5.71 -25.07
CA LYS D 47 -6.02 5.38 -25.98
C LYS D 47 -6.77 4.13 -25.52
N ILE D 48 -6.13 3.32 -24.68
CA ILE D 48 -6.73 2.11 -24.10
C ILE D 48 -7.57 2.51 -22.87
N LEU D 49 -6.97 3.32 -21.99
CA LEU D 49 -7.61 3.76 -20.73
C LEU D 49 -8.73 4.78 -20.95
N GLY D 50 -8.47 5.73 -21.84
CA GLY D 50 -9.30 6.92 -22.16
C GLY D 50 -10.80 6.80 -22.43
N PRO D 51 -11.20 6.13 -23.53
CA PRO D 51 -12.59 5.63 -23.70
C PRO D 51 -13.14 4.62 -22.64
N ARG D 52 -12.26 3.77 -22.07
CA ARG D 52 -12.65 2.74 -21.06
C ARG D 52 -13.04 3.38 -19.72
N LEU D 53 -12.38 4.48 -19.39
CA LEU D 53 -12.76 5.32 -18.25
C LEU D 53 -14.06 6.12 -18.52
N GLU D 54 -14.11 6.77 -19.70
CA GLU D 54 -15.26 7.52 -20.27
C GLU D 54 -16.61 6.82 -20.24
N LYS D 55 -16.58 5.53 -20.61
CA LYS D 55 -17.67 4.56 -20.48
C LYS D 55 -18.13 4.26 -19.03
N MET D 56 -17.18 4.11 -18.10
CA MET D 56 -17.51 3.84 -16.68
C MET D 56 -18.10 5.06 -15.97
N VAL D 57 -17.63 6.23 -16.39
CA VAL D 57 -18.17 7.54 -15.99
C VAL D 57 -19.62 7.69 -16.52
N ALA D 58 -19.85 7.24 -17.76
CA ALA D 58 -21.16 7.30 -18.47
C ALA D 58 -22.27 6.44 -17.83
N LYS D 59 -21.86 5.30 -17.26
CA LYS D 59 -22.77 4.41 -16.54
C LYS D 59 -23.17 4.92 -15.15
N GLN D 60 -22.43 5.88 -14.62
CA GLN D 60 -22.77 6.48 -13.33
C GLN D 60 -23.86 7.55 -13.34
N HIS D 61 -24.12 8.13 -14.52
CA HIS D 61 -25.23 9.07 -14.82
C HIS D 61 -25.35 10.36 -13.99
N GLY D 62 -24.25 11.10 -13.91
CA GLY D 62 -24.23 12.37 -13.18
C GLY D 62 -23.55 12.25 -11.85
N LYS D 63 -23.36 11.03 -11.37
CA LYS D 63 -22.69 10.78 -10.05
C LYS D 63 -21.18 11.07 -9.93
N VAL D 64 -20.52 11.10 -11.09
CA VAL D 64 -19.09 11.40 -11.23
C VAL D 64 -18.94 12.05 -12.63
N VAL D 65 -17.89 12.86 -12.78
CA VAL D 65 -17.62 13.67 -13.96
C VAL D 65 -16.15 13.37 -14.36
N MET D 66 -15.84 13.43 -15.66
CA MET D 66 -14.47 13.20 -16.16
C MET D 66 -13.77 14.39 -16.88
N ALA D 67 -12.72 14.94 -16.30
CA ALA D 67 -12.09 16.03 -16.98
C ALA D 67 -10.85 15.61 -17.71
N LYS D 68 -10.82 15.93 -19.01
CA LYS D 68 -9.69 15.58 -19.84
C LYS D 68 -8.69 16.73 -19.96
N VAL D 69 -7.42 16.42 -19.68
CA VAL D 69 -6.33 17.39 -19.84
C VAL D 69 -5.35 16.84 -20.89
N ASP D 70 -5.21 17.50 -22.02
CA ASP D 70 -4.12 17.12 -22.96
C ASP D 70 -2.93 17.85 -22.39
N ILE D 71 -1.98 17.08 -21.83
CA ILE D 71 -0.79 17.56 -21.09
C ILE D 71 0.24 18.37 -21.89
N ASP D 72 0.19 18.17 -23.21
CA ASP D 72 0.83 18.98 -24.24
C ASP D 72 0.62 20.51 -24.10
N ASP D 73 -0.64 20.94 -23.98
CA ASP D 73 -1.00 22.37 -23.87
C ASP D 73 -0.72 22.99 -22.49
N HIS D 74 -0.85 22.19 -21.42
CA HIS D 74 -0.84 22.71 -20.04
C HIS D 74 0.29 22.09 -19.20
N THR D 75 1.48 22.68 -19.28
CA THR D 75 2.60 22.24 -18.45
C THR D 75 2.47 22.77 -17.02
N ASP D 76 2.15 24.06 -16.88
CA ASP D 76 1.58 24.56 -15.62
C ASP D 76 0.09 24.20 -15.57
N LEU D 77 -0.21 22.94 -15.21
CA LEU D 77 -1.33 22.39 -14.46
C LEU D 77 -0.70 21.05 -14.06
N ALA D 78 0.15 20.52 -14.96
CA ALA D 78 0.84 19.23 -14.81
C ALA D 78 1.91 19.26 -13.73
N ILE D 79 2.70 20.33 -13.68
CA ILE D 79 3.76 20.52 -12.67
C ILE D 79 3.08 20.83 -11.33
N GLU D 80 2.03 21.66 -11.43
CA GLU D 80 1.16 22.08 -10.32
C GLU D 80 0.46 20.90 -9.65
N TYR D 81 -0.04 19.98 -10.46
CA TYR D 81 -0.59 18.75 -9.90
C TYR D 81 0.36 17.55 -9.86
N GLU D 82 1.66 17.83 -10.10
CA GLU D 82 2.81 16.89 -9.99
C GLU D 82 2.68 15.60 -10.87
N VAL D 83 2.19 15.79 -12.10
CA VAL D 83 1.99 14.70 -13.05
C VAL D 83 3.28 14.48 -13.83
N SER D 84 3.90 13.30 -13.65
CA SER D 84 5.20 12.98 -14.24
C SER D 84 5.20 11.80 -15.24
N ALA D 85 4.08 11.08 -15.33
CA ALA D 85 3.89 10.07 -16.37
C ALA D 85 2.45 10.06 -16.87
N VAL D 86 2.28 9.64 -18.13
CA VAL D 86 0.98 9.52 -18.77
C VAL D 86 0.61 8.03 -19.09
N PRO D 87 -0.64 7.59 -18.82
CA PRO D 87 -1.76 8.26 -18.17
C PRO D 87 -1.64 8.34 -16.64
N THR D 88 -2.02 9.49 -16.10
CA THR D 88 -2.23 9.69 -14.66
C THR D 88 -3.71 9.97 -14.57
N VAL D 89 -4.43 9.21 -13.75
CA VAL D 89 -5.79 9.63 -13.35
C VAL D 89 -5.85 10.21 -11.89
N LEU D 90 -6.31 11.45 -11.75
CA LEU D 90 -6.49 12.01 -10.40
C LEU D 90 -7.95 11.89 -9.99
N ALA D 91 -8.23 11.62 -8.71
CA ALA D 91 -9.60 11.64 -8.19
C ALA D 91 -9.76 12.90 -7.38
N MET D 92 -10.73 13.73 -7.76
CA MET D 92 -10.95 15.03 -7.08
C MET D 92 -12.32 15.22 -6.45
N LYS D 93 -12.35 15.90 -5.32
CA LYS D 93 -13.60 16.25 -4.59
C LYS D 93 -13.23 17.49 -3.76
N ASN D 94 -14.04 18.53 -3.91
CA ASN D 94 -13.93 19.87 -3.27
C ASN D 94 -12.64 20.66 -3.60
N GLY D 95 -12.13 20.47 -4.81
CA GLY D 95 -10.86 21.10 -5.21
C GLY D 95 -9.58 20.41 -4.83
N ASP D 96 -9.71 19.24 -4.21
CA ASP D 96 -8.60 18.56 -3.58
C ASP D 96 -8.44 17.18 -4.22
N VAL D 97 -7.21 16.82 -4.59
CA VAL D 97 -6.84 15.45 -5.03
C VAL D 97 -6.97 14.52 -3.85
N VAL D 98 -7.92 13.61 -3.96
CA VAL D 98 -8.13 12.64 -2.93
C VAL D 98 -7.57 11.25 -3.29
N ASP D 99 -7.35 10.93 -4.57
CA ASP D 99 -6.70 9.65 -4.98
C ASP D 99 -5.98 9.79 -6.34
N LYS D 100 -5.17 8.80 -6.67
CA LYS D 100 -4.28 8.82 -7.81
C LYS D 100 -4.09 7.38 -8.25
N PHE D 101 -4.14 7.15 -9.56
CA PHE D 101 -3.36 6.05 -10.16
C PHE D 101 -2.60 6.49 -11.41
N VAL D 102 -1.57 5.74 -11.75
CA VAL D 102 -0.77 5.96 -12.96
C VAL D 102 -0.84 4.67 -13.83
N GLY D 103 -1.09 4.82 -15.13
CA GLY D 103 -1.09 3.70 -16.05
C GLY D 103 -2.45 3.05 -16.29
N ILE D 104 -2.40 1.79 -16.74
CA ILE D 104 -3.54 1.00 -17.22
C ILE D 104 -4.21 0.20 -16.06
N LYS D 105 -5.55 0.27 -15.99
CA LYS D 105 -6.37 -0.56 -15.11
C LYS D 105 -7.54 -1.10 -15.96
N ASP D 106 -8.10 -2.26 -15.60
CA ASP D 106 -9.14 -2.95 -16.44
C ASP D 106 -10.58 -2.36 -16.45
N GLU D 107 -11.59 -3.16 -16.80
CA GLU D 107 -13.00 -2.70 -16.72
C GLU D 107 -13.56 -2.63 -15.31
N ASP D 108 -13.24 -3.65 -14.50
CA ASP D 108 -13.76 -3.76 -13.13
C ASP D 108 -12.96 -2.93 -12.15
N GLN D 109 -11.67 -2.71 -12.47
CA GLN D 109 -10.73 -1.99 -11.62
C GLN D 109 -10.99 -0.49 -11.62
N LEU D 110 -11.47 -0.01 -12.77
CA LEU D 110 -12.07 1.32 -12.91
C LEU D 110 -13.35 1.48 -12.09
N GLU D 111 -14.24 0.49 -12.11
CA GLU D 111 -15.53 0.56 -11.37
C GLU D 111 -15.42 0.52 -9.83
N ALA D 112 -14.53 -0.33 -9.32
CA ALA D 112 -14.10 -0.36 -7.90
C ALA D 112 -13.44 0.93 -7.36
N PHE D 113 -12.64 1.61 -8.20
CA PHE D 113 -12.00 2.91 -7.91
C PHE D 113 -13.09 4.00 -7.79
N LEU D 114 -14.05 3.95 -8.72
CA LEU D 114 -15.18 4.84 -8.78
C LEU D 114 -16.17 4.66 -7.62
N LYS D 115 -16.39 3.41 -7.18
CA LYS D 115 -17.26 3.09 -6.05
C LYS D 115 -16.69 3.60 -4.71
N LYS D 116 -15.34 3.54 -4.57
CA LYS D 116 -14.58 4.18 -3.49
C LYS D 116 -14.71 5.70 -3.49
N LEU D 117 -14.75 6.32 -4.68
CA LEU D 117 -14.87 7.78 -4.77
C LEU D 117 -16.29 8.33 -4.52
N ILE D 118 -17.29 7.77 -5.22
CA ILE D 118 -18.74 8.09 -5.10
C ILE D 118 -19.39 7.67 -3.77
N GLY D 119 -19.01 6.50 -3.29
CA GLY D 119 -19.69 5.90 -2.11
C GLY D 119 -20.79 4.93 -2.47
N HIS E 10 22.87 -21.10 13.66
CA HIS E 10 23.73 -21.88 14.61
C HIS E 10 23.77 -23.38 14.30
N GLY E 11 22.67 -23.92 13.76
CA GLY E 11 22.66 -25.24 13.09
C GLY E 11 21.96 -25.12 11.74
N SER E 12 20.66 -25.46 11.70
CA SER E 12 19.81 -25.16 10.53
C SER E 12 19.40 -23.68 10.55
N THR E 13 19.14 -23.10 9.38
CA THR E 13 18.55 -21.78 9.26
C THR E 13 17.03 -21.83 9.22
N THR E 14 16.48 -23.05 9.02
CA THR E 14 15.02 -23.34 9.20
C THR E 14 14.69 -24.42 10.25
N PHE E 15 13.79 -24.07 11.16
CA PHE E 15 13.64 -24.89 12.37
C PHE E 15 12.27 -24.73 12.96
N ASN E 16 11.79 -25.76 13.69
CA ASN E 16 10.68 -25.65 14.66
C ASN E 16 11.18 -25.11 16.02
N ILE E 17 10.46 -24.06 16.49
CA ILE E 17 10.65 -23.45 17.81
C ILE E 17 10.02 -24.44 18.76
N GLN E 18 10.78 -24.84 19.80
CA GLN E 18 10.32 -25.83 20.82
C GLN E 18 9.47 -25.29 22.00
N ASP E 19 9.82 -24.11 22.52
CA ASP E 19 9.13 -23.47 23.67
C ASP E 19 9.41 -21.98 23.60
N GLY E 20 8.83 -21.22 24.55
CA GLY E 20 9.24 -19.84 24.87
C GLY E 20 10.72 -19.40 24.98
N PRO E 21 11.56 -20.08 25.84
CA PRO E 21 13.03 -19.90 25.76
C PRO E 21 13.76 -20.15 24.38
N ASP E 22 13.24 -21.07 23.56
CA ASP E 22 13.76 -21.31 22.21
C ASP E 22 13.44 -20.18 21.27
N PHE E 23 12.26 -19.60 21.47
CA PHE E 23 11.91 -18.34 20.84
C PHE E 23 12.82 -17.20 21.38
N GLN E 24 13.14 -17.17 22.68
CA GLN E 24 14.01 -16.14 23.25
C GLN E 24 15.47 -16.15 22.72
N ASP E 25 16.00 -17.36 22.59
CA ASP E 25 17.29 -17.69 21.98
C ASP E 25 17.30 -17.38 20.47
N ARG E 26 16.50 -18.11 19.71
CA ARG E 26 16.69 -18.12 18.27
C ARG E 26 15.99 -16.99 17.50
N VAL E 27 15.17 -16.16 18.18
CA VAL E 27 14.39 -15.06 17.50
C VAL E 27 14.69 -13.66 18.05
N VAL E 28 14.37 -13.44 19.34
CA VAL E 28 14.59 -12.14 20.00
C VAL E 28 16.11 -11.86 20.18
N ASN E 29 16.90 -12.92 20.45
CA ASN E 29 18.35 -12.70 20.59
C ASN E 29 19.18 -13.07 19.35
N SER E 30 18.49 -13.09 18.21
CA SER E 30 19.14 -13.37 16.94
C SER E 30 19.93 -12.16 16.49
N GLU E 31 21.17 -12.46 16.14
CA GLU E 31 22.12 -11.49 15.63
C GLU E 31 21.80 -11.18 14.15
N THR E 32 21.24 -12.19 13.47
CA THR E 32 20.75 -12.12 12.11
C THR E 32 19.24 -11.69 12.09
N PRO E 33 18.77 -11.07 10.99
CA PRO E 33 17.32 -11.01 10.68
C PRO E 33 16.53 -12.34 10.73
N VAL E 34 15.36 -12.29 11.33
CA VAL E 34 14.48 -13.48 11.49
C VAL E 34 13.21 -13.28 10.70
N VAL E 35 12.79 -14.35 10.05
CA VAL E 35 11.45 -14.39 9.55
C VAL E 35 10.65 -15.38 10.42
N VAL E 36 9.72 -14.85 11.22
CA VAL E 36 8.94 -15.74 12.06
C VAL E 36 7.62 -16.21 11.44
N ASP E 37 7.46 -17.53 11.26
CA ASP E 37 6.28 -18.15 10.61
C ASP E 37 5.31 -18.75 11.62
N PHE E 38 4.12 -18.17 11.66
CA PHE E 38 3.08 -18.61 12.58
C PHE E 38 2.17 -19.49 11.72
N HIS E 39 2.08 -20.79 12.06
CA HIS E 39 1.38 -21.76 11.21
C HIS E 39 0.57 -22.78 12.02
N ALA E 40 -0.34 -23.51 11.39
CA ALA E 40 -0.99 -24.72 11.98
C ALA E 40 -1.37 -25.73 10.91
N GLN E 41 -1.57 -26.98 11.35
CA GLN E 41 -1.90 -28.19 10.58
C GLN E 41 -3.22 -28.14 9.79
N TRP E 42 -4.17 -27.37 10.33
CA TRP E 42 -5.45 -27.17 9.69
C TRP E 42 -5.53 -26.03 8.67
N CYS E 43 -4.46 -25.26 8.57
CA CYS E 43 -4.56 -24.18 7.64
C CYS E 43 -3.98 -24.64 6.33
N GLY E 44 -4.87 -24.84 5.37
CA GLY E 44 -4.63 -25.05 3.93
C GLY E 44 -3.53 -24.25 3.24
N PRO E 45 -3.63 -22.87 3.19
CA PRO E 45 -2.54 -21.95 2.83
C PRO E 45 -1.10 -22.10 3.40
N CYS E 46 -0.96 -22.70 4.59
CA CYS E 46 0.33 -22.90 5.26
C CYS E 46 1.21 -23.94 4.59
N LYS E 47 0.58 -25.00 4.07
CA LYS E 47 1.22 -26.04 3.23
C LYS E 47 1.89 -25.54 1.94
N ILE E 48 1.31 -24.52 1.32
CA ILE E 48 1.85 -23.91 0.11
C ILE E 48 3.11 -23.03 0.42
N LEU E 49 2.98 -21.96 1.22
CA LEU E 49 4.10 -21.03 1.45
C LEU E 49 5.22 -21.49 2.41
N GLY E 50 4.87 -22.39 3.34
CA GLY E 50 5.76 -22.91 4.41
C GLY E 50 7.03 -23.58 3.92
N PRO E 51 6.90 -24.69 3.14
CA PRO E 51 7.95 -25.15 2.18
C PRO E 51 8.60 -24.14 1.21
N ARG E 52 7.81 -23.16 0.73
CA ARG E 52 8.29 -22.19 -0.27
C ARG E 52 9.23 -21.19 0.40
N LEU E 53 8.87 -20.75 1.62
CA LEU E 53 9.75 -19.98 2.47
C LEU E 53 10.94 -20.74 3.02
N GLU E 54 10.78 -22.04 3.25
CA GLU E 54 11.85 -22.96 3.71
C GLU E 54 13.07 -23.07 2.80
N LYS E 55 12.80 -23.38 1.52
CA LYS E 55 13.75 -23.49 0.39
C LYS E 55 14.58 -22.23 0.17
N MET E 56 13.89 -21.11 0.24
CA MET E 56 14.44 -19.79 0.05
C MET E 56 15.35 -19.31 1.17
N VAL E 57 14.95 -19.59 2.40
CA VAL E 57 15.72 -19.18 3.58
C VAL E 57 17.04 -20.00 3.70
N ALA E 58 16.92 -21.31 3.44
CA ALA E 58 18.03 -22.29 3.24
C ALA E 58 19.09 -21.87 2.22
N LYS E 59 18.64 -21.26 1.12
CA LYS E 59 19.51 -20.77 0.07
C LYS E 59 20.29 -19.45 0.37
N GLN E 60 19.98 -18.78 1.48
CA GLN E 60 20.64 -17.55 1.90
C GLN E 60 21.80 -17.81 2.85
N HIS E 61 21.85 -19.06 3.36
CA HIS E 61 22.99 -19.69 4.07
C HIS E 61 23.47 -19.04 5.37
N GLY E 62 22.54 -18.56 6.19
CA GLY E 62 22.89 -17.88 7.45
C GLY E 62 22.65 -16.38 7.51
N LYS E 63 22.36 -15.76 6.37
CA LYS E 63 22.00 -14.32 6.30
C LYS E 63 20.66 -13.97 6.89
N VAL E 64 19.74 -14.93 6.81
CA VAL E 64 18.43 -14.85 7.43
C VAL E 64 18.15 -16.22 8.09
N VAL E 65 17.27 -16.22 9.10
CA VAL E 65 16.78 -17.40 9.80
C VAL E 65 15.23 -17.47 9.67
N MET E 66 14.66 -18.70 9.47
CA MET E 66 13.20 -19.06 9.50
C MET E 66 12.88 -19.79 10.76
N ALA E 67 12.16 -19.06 11.57
CA ALA E 67 11.60 -19.55 12.75
C ALA E 67 10.09 -19.95 12.63
N LYS E 68 9.80 -21.27 12.58
CA LYS E 68 8.42 -21.81 12.37
C LYS E 68 7.80 -22.04 13.70
N VAL E 69 6.59 -21.51 13.90
CA VAL E 69 5.89 -21.58 15.19
C VAL E 69 4.49 -22.15 14.97
N ASP E 70 4.28 -23.35 15.48
CA ASP E 70 2.94 -23.96 15.52
C ASP E 70 2.08 -23.26 16.54
N ILE E 71 1.01 -22.63 16.07
CA ILE E 71 0.18 -21.81 16.95
C ILE E 71 -0.82 -22.66 17.80
N ASP E 72 -1.06 -23.95 17.47
CA ASP E 72 -1.85 -24.86 18.35
C ASP E 72 -0.92 -25.34 19.51
N ASP E 73 0.36 -25.56 19.18
CA ASP E 73 1.38 -25.98 20.14
C ASP E 73 1.82 -24.84 21.04
N HIS E 74 1.78 -23.63 20.50
CA HIS E 74 2.37 -22.44 21.15
C HIS E 74 1.42 -21.30 20.95
N THR E 75 0.26 -21.41 21.62
CA THR E 75 -0.82 -20.39 21.62
C THR E 75 -0.38 -19.10 22.31
N ASP E 76 0.39 -19.27 23.40
CA ASP E 76 1.18 -18.25 24.16
C ASP E 76 1.94 -17.22 23.36
N LEU E 77 2.64 -17.72 22.32
CA LEU E 77 3.45 -16.91 21.46
C LEU E 77 2.60 -16.13 20.44
N ALA E 78 1.53 -16.76 19.93
CA ALA E 78 0.61 -16.14 18.97
C ALA E 78 -0.28 -15.02 19.52
N ILE E 79 -0.62 -15.12 20.82
CA ILE E 79 -1.43 -14.08 21.51
C ILE E 79 -0.54 -12.83 21.76
N GLU E 80 0.68 -13.13 22.24
CA GLU E 80 1.80 -12.18 22.39
C GLU E 80 2.17 -11.33 21.16
N TYR E 81 2.17 -11.92 19.98
CA TYR E 81 2.59 -11.13 18.80
C TYR E 81 1.46 -10.58 17.94
N GLU E 82 0.22 -10.70 18.47
CA GLU E 82 -1.03 -10.12 17.93
C GLU E 82 -1.43 -10.63 16.55
N VAL E 83 -1.23 -11.93 16.40
CA VAL E 83 -1.57 -12.73 15.24
C VAL E 83 -3.08 -12.93 15.13
N SER E 84 -3.62 -12.51 13.99
CA SER E 84 -5.06 -12.41 13.75
C SER E 84 -5.56 -13.52 12.84
N ALA E 85 -4.68 -13.98 11.96
CA ALA E 85 -4.96 -15.12 11.08
C ALA E 85 -3.70 -15.95 10.92
N VAL E 86 -3.85 -17.18 10.44
CA VAL E 86 -2.72 -17.96 9.96
C VAL E 86 -2.77 -18.26 8.44
N PRO E 87 -1.63 -18.16 7.72
CA PRO E 87 -0.23 -17.77 7.99
C PRO E 87 -0.08 -16.29 8.29
N THR E 88 0.66 -16.01 9.36
CA THR E 88 1.27 -14.69 9.58
C THR E 88 2.78 -14.87 9.57
N VAL E 89 3.42 -14.11 8.70
CA VAL E 89 4.86 -14.09 8.68
C VAL E 89 5.33 -12.71 9.23
N LEU E 90 6.17 -12.65 10.28
CA LEU E 90 6.73 -11.39 10.77
C LEU E 90 8.22 -11.36 10.47
N ALA E 91 8.68 -10.19 10.09
CA ALA E 91 10.08 -9.97 9.81
C ALA E 91 10.60 -9.24 11.02
N MET E 92 11.59 -9.83 11.68
CA MET E 92 12.20 -9.30 12.91
C MET E 92 13.70 -8.96 12.80
N LYS E 93 14.09 -7.84 13.40
CA LYS E 93 15.51 -7.48 13.51
C LYS E 93 15.70 -6.74 14.83
N ASN E 94 16.74 -7.14 15.59
CA ASN E 94 17.11 -6.62 16.93
C ASN E 94 16.02 -6.73 18.02
N GLY E 95 15.32 -7.86 18.04
CA GLY E 95 14.20 -8.05 18.96
C GLY E 95 12.86 -7.39 18.66
N ASP E 96 12.76 -6.60 17.58
CA ASP E 96 11.53 -5.86 17.26
C ASP E 96 10.97 -6.33 15.93
N VAL E 97 9.63 -6.36 15.81
CA VAL E 97 8.93 -6.64 14.54
C VAL E 97 9.13 -5.47 13.57
N VAL E 98 9.69 -5.74 12.38
CA VAL E 98 9.84 -4.68 11.38
C VAL E 98 9.00 -4.80 10.09
N ASP E 99 8.49 -5.97 9.71
CA ASP E 99 7.52 -6.05 8.58
C ASP E 99 6.58 -7.22 8.86
N LYS E 100 5.47 -7.29 8.15
CA LYS E 100 4.51 -8.39 8.26
C LYS E 100 3.83 -8.67 6.93
N PHE E 101 3.50 -9.94 6.69
CA PHE E 101 2.36 -10.25 5.82
C PHE E 101 1.51 -11.36 6.40
N VAL E 102 0.23 -11.30 6.02
CA VAL E 102 -0.77 -12.31 6.35
C VAL E 102 -1.15 -13.00 5.04
N GLY E 103 -1.18 -14.33 5.04
CA GLY E 103 -1.65 -15.10 3.89
C GLY E 103 -0.57 -15.75 3.06
N ILE E 104 -0.94 -16.15 1.84
CA ILE E 104 -0.02 -16.79 0.89
C ILE E 104 0.64 -15.69 0.06
N LYS E 105 1.83 -15.97 -0.43
CA LYS E 105 2.60 -15.06 -1.26
C LYS E 105 3.24 -15.80 -2.44
N ASP E 106 3.31 -15.10 -3.59
CA ASP E 106 4.05 -15.47 -4.82
C ASP E 106 5.55 -15.63 -4.56
N GLU E 107 6.17 -16.51 -5.36
CA GLU E 107 7.61 -16.81 -5.41
C GLU E 107 8.49 -15.58 -5.61
N ASP E 108 8.07 -14.76 -6.58
CA ASP E 108 8.59 -13.43 -6.87
C ASP E 108 8.39 -12.44 -5.75
N GLN E 109 7.20 -12.44 -5.15
CA GLN E 109 6.86 -11.61 -3.98
C GLN E 109 7.63 -11.99 -2.71
N LEU E 110 7.91 -13.29 -2.55
CA LEU E 110 8.70 -13.79 -1.43
C LEU E 110 10.19 -13.54 -1.56
N GLU E 111 10.70 -13.52 -2.80
CA GLU E 111 12.13 -13.24 -3.06
C GLU E 111 12.45 -11.79 -2.81
N ALA E 112 11.49 -10.93 -3.16
CA ALA E 112 11.48 -9.50 -2.84
C ALA E 112 11.48 -9.21 -1.33
N PHE E 113 10.59 -9.89 -0.56
CA PHE E 113 10.44 -9.73 0.91
C PHE E 113 11.75 -9.98 1.68
N LEU E 114 12.46 -11.03 1.27
CA LEU E 114 13.63 -11.49 1.90
C LEU E 114 14.82 -10.62 1.45
N LYS E 115 14.77 -10.04 0.25
CA LYS E 115 15.91 -9.23 -0.25
C LYS E 115 15.85 -7.86 0.38
N LYS E 116 14.63 -7.36 0.63
CA LYS E 116 14.41 -6.08 1.34
C LYS E 116 14.74 -6.16 2.81
N LEU E 117 14.47 -7.33 3.43
CA LEU E 117 14.86 -7.58 4.82
C LEU E 117 16.38 -7.68 5.04
N ILE E 118 17.05 -8.54 4.26
CA ILE E 118 18.50 -8.72 4.31
C ILE E 118 19.29 -7.50 3.79
N GLY E 119 18.87 -6.95 2.65
CA GLY E 119 19.65 -5.86 2.01
C GLY E 119 20.56 -6.30 0.92
N SER F 12 -27.11 -24.76 28.76
CA SER F 12 -28.33 -25.59 28.46
C SER F 12 -28.23 -25.93 26.99
N THR F 13 -28.07 -24.88 26.18
CA THR F 13 -28.09 -24.97 24.72
C THR F 13 -26.68 -24.68 24.17
N THR F 14 -25.73 -24.50 25.10
CA THR F 14 -24.33 -24.19 24.78
C THR F 14 -23.29 -24.92 25.66
N PHE F 15 -22.36 -25.60 24.99
CA PHE F 15 -21.34 -26.44 25.64
C PHE F 15 -19.97 -26.38 24.90
N ASN F 16 -18.91 -26.71 25.64
CA ASN F 16 -17.55 -26.82 25.10
C ASN F 16 -17.16 -28.29 24.87
N ILE F 17 -16.71 -28.58 23.65
CA ILE F 17 -16.17 -29.89 23.26
C ILE F 17 -14.80 -30.16 23.91
N GLN F 18 -14.75 -31.27 24.66
CA GLN F 18 -13.57 -31.57 25.47
C GLN F 18 -12.55 -32.40 24.71
N ASP F 19 -13.07 -33.31 23.87
CA ASP F 19 -12.26 -34.26 23.09
C ASP F 19 -13.02 -34.88 21.88
N GLY F 20 -12.33 -35.80 21.21
CA GLY F 20 -12.90 -36.68 20.18
C GLY F 20 -14.12 -37.50 20.52
N PRO F 21 -14.04 -38.39 21.59
CA PRO F 21 -15.31 -39.03 22.07
C PRO F 21 -16.51 -38.14 22.46
N ASP F 22 -16.22 -36.96 23.06
CA ASP F 22 -17.21 -35.91 23.37
C ASP F 22 -17.86 -35.36 22.11
N PHE F 23 -17.01 -35.12 21.09
CA PHE F 23 -17.48 -34.65 19.76
C PHE F 23 -18.40 -35.70 19.09
N GLN F 24 -17.97 -36.96 19.08
CA GLN F 24 -18.83 -38.06 18.66
C GLN F 24 -20.16 -38.19 19.41
N ASP F 25 -20.11 -38.05 20.74
CA ASP F 25 -21.34 -38.19 21.58
C ASP F 25 -22.31 -36.98 21.48
N ARG F 26 -21.78 -35.77 21.54
CA ARG F 26 -22.64 -34.56 21.62
C ARG F 26 -22.84 -33.75 20.31
N VAL F 27 -22.08 -34.07 19.24
CA VAL F 27 -22.37 -33.47 17.92
C VAL F 27 -22.88 -34.51 16.95
N VAL F 28 -22.03 -35.52 16.63
CA VAL F 28 -22.33 -36.60 15.64
C VAL F 28 -23.60 -37.37 16.05
N ASN F 29 -23.68 -37.77 17.32
CA ASN F 29 -24.86 -38.51 17.84
C ASN F 29 -25.99 -37.68 18.48
N SER F 30 -26.00 -36.37 18.23
CA SER F 30 -27.08 -35.51 18.69
C SER F 30 -28.36 -35.66 17.86
N GLU F 31 -29.50 -35.69 18.56
CA GLU F 31 -30.81 -35.80 17.91
C GLU F 31 -31.37 -34.44 17.45
N THR F 32 -30.70 -33.36 17.88
CA THR F 32 -31.11 -31.97 17.70
C THR F 32 -30.03 -31.44 16.74
N PRO F 33 -30.39 -30.56 15.77
CA PRO F 33 -29.40 -29.88 14.88
C PRO F 33 -28.39 -29.04 15.64
N VAL F 34 -27.15 -29.00 15.14
CA VAL F 34 -26.00 -28.49 15.90
C VAL F 34 -25.26 -27.44 15.10
N VAL F 35 -25.08 -26.24 15.66
CA VAL F 35 -24.10 -25.34 15.11
C VAL F 35 -22.74 -25.49 15.79
N VAL F 36 -21.67 -25.60 15.01
CA VAL F 36 -20.40 -25.93 15.63
C VAL F 36 -19.51 -24.73 15.45
N ASP F 37 -19.09 -24.11 16.57
CA ASP F 37 -18.38 -22.82 16.59
C ASP F 37 -16.87 -22.98 16.76
N PHE F 38 -16.16 -22.86 15.64
CA PHE F 38 -14.72 -22.96 15.70
C PHE F 38 -14.14 -21.59 16.06
N HIS F 39 -13.46 -21.53 17.20
CA HIS F 39 -12.97 -20.27 17.74
C HIS F 39 -11.52 -20.37 18.22
N ALA F 40 -10.93 -19.21 18.52
CA ALA F 40 -9.58 -19.13 19.11
C ALA F 40 -9.38 -17.88 19.97
N GLN F 41 -8.51 -18.00 21.00
CA GLN F 41 -8.26 -16.92 22.00
C GLN F 41 -7.55 -15.71 21.42
N TRP F 42 -6.79 -15.91 20.34
CA TRP F 42 -6.07 -14.81 19.64
C TRP F 42 -6.94 -14.13 18.55
N CYS F 43 -8.15 -14.62 18.34
CA CYS F 43 -8.95 -14.13 17.24
C CYS F 43 -9.96 -13.14 17.81
N GLY F 44 -9.66 -11.86 17.59
CA GLY F 44 -10.59 -10.67 17.64
C GLY F 44 -12.11 -10.85 17.44
N PRO F 45 -12.58 -11.18 16.19
CA PRO F 45 -13.98 -11.44 15.82
C PRO F 45 -14.77 -12.48 16.64
N CYS F 46 -14.05 -13.48 17.20
CA CYS F 46 -14.60 -14.46 18.19
C CYS F 46 -15.12 -13.87 19.49
N LYS F 47 -14.55 -12.72 19.92
CA LYS F 47 -15.09 -11.94 21.05
C LYS F 47 -16.48 -11.31 20.81
N ILE F 48 -16.86 -11.12 19.55
CA ILE F 48 -18.19 -10.66 19.15
C ILE F 48 -19.18 -11.81 18.82
N LEU F 49 -18.77 -12.71 17.91
CA LEU F 49 -19.62 -13.79 17.37
C LEU F 49 -20.06 -14.81 18.42
N GLY F 50 -19.09 -15.25 19.24
CA GLY F 50 -19.26 -16.03 20.49
C GLY F 50 -20.44 -15.72 21.43
N PRO F 51 -20.46 -14.52 22.06
CA PRO F 51 -21.66 -14.02 22.73
C PRO F 51 -22.93 -13.83 21.90
N ARG F 52 -22.80 -13.51 20.62
CA ARG F 52 -23.97 -13.27 19.76
C ARG F 52 -24.65 -14.55 19.33
N LEU F 53 -23.85 -15.59 18.97
CA LEU F 53 -24.34 -16.90 18.57
C LEU F 53 -25.00 -17.60 19.77
N GLU F 54 -24.41 -17.48 20.97
CA GLU F 54 -24.99 -17.93 22.26
C GLU F 54 -26.37 -17.34 22.57
N LYS F 55 -26.51 -16.01 22.33
CA LYS F 55 -27.78 -15.26 22.40
C LYS F 55 -28.86 -15.75 21.42
N MET F 56 -28.47 -15.85 20.14
CA MET F 56 -29.39 -16.28 19.07
C MET F 56 -29.83 -17.75 19.16
N VAL F 57 -28.90 -18.62 19.64
CA VAL F 57 -29.19 -20.07 19.87
C VAL F 57 -30.20 -20.29 21.01
N ALA F 58 -29.99 -19.60 22.14
CA ALA F 58 -30.83 -19.67 23.36
C ALA F 58 -32.29 -19.27 23.18
N LYS F 59 -32.55 -18.30 22.28
CA LYS F 59 -33.94 -17.99 21.87
C LYS F 59 -34.62 -18.94 20.89
N GLN F 60 -33.93 -19.96 20.39
CA GLN F 60 -34.63 -21.03 19.68
C GLN F 60 -35.14 -22.17 20.57
N HIS F 61 -34.87 -22.06 21.89
CA HIS F 61 -35.49 -22.84 22.99
C HIS F 61 -35.22 -24.34 22.99
N GLY F 62 -34.11 -24.76 22.41
CA GLY F 62 -33.75 -26.18 22.45
C GLY F 62 -33.85 -26.89 21.13
N LYS F 63 -34.34 -26.17 20.12
CA LYS F 63 -34.44 -26.69 18.74
C LYS F 63 -33.08 -26.73 18.01
N VAL F 64 -32.09 -25.98 18.50
CA VAL F 64 -30.68 -26.03 18.05
C VAL F 64 -29.77 -26.02 19.33
N VAL F 65 -28.64 -26.72 19.28
CA VAL F 65 -27.61 -26.53 20.29
C VAL F 65 -26.35 -25.95 19.60
N MET F 66 -25.46 -25.40 20.43
CA MET F 66 -24.22 -24.86 19.95
C MET F 66 -23.08 -25.55 20.70
N ALA F 67 -22.20 -26.17 19.92
CA ALA F 67 -21.00 -26.82 20.43
C ALA F 67 -19.79 -25.94 20.07
N LYS F 68 -19.15 -25.31 21.05
CA LYS F 68 -17.98 -24.44 20.80
C LYS F 68 -16.74 -25.33 20.74
N VAL F 69 -15.88 -25.12 19.75
CA VAL F 69 -14.63 -25.89 19.60
C VAL F 69 -13.42 -24.94 19.51
N ASP F 70 -12.54 -25.01 20.50
CA ASP F 70 -11.30 -24.23 20.53
C ASP F 70 -10.36 -24.97 19.58
N ILE F 71 -10.11 -24.33 18.43
CA ILE F 71 -9.30 -24.85 17.31
C ILE F 71 -7.83 -25.25 17.63
N ASP F 72 -7.24 -24.57 18.63
CA ASP F 72 -5.89 -24.86 19.11
C ASP F 72 -5.83 -26.11 19.99
N ASP F 73 -6.96 -26.52 20.58
CA ASP F 73 -7.01 -27.76 21.34
C ASP F 73 -7.60 -28.90 20.52
N HIS F 74 -8.14 -28.59 19.35
CA HIS F 74 -8.76 -29.62 18.51
C HIS F 74 -8.36 -29.52 17.09
N THR F 75 -7.06 -29.61 16.84
CA THR F 75 -6.40 -29.75 15.52
C THR F 75 -7.04 -30.78 14.54
N ASP F 76 -7.34 -31.97 15.10
CA ASP F 76 -8.05 -33.06 14.45
C ASP F 76 -9.43 -32.75 13.80
N LEU F 77 -10.32 -32.09 14.55
CA LEU F 77 -11.68 -31.73 14.12
C LEU F 77 -11.70 -30.66 13.03
N ALA F 78 -10.76 -29.75 13.12
CA ALA F 78 -10.51 -28.74 12.10
C ALA F 78 -9.96 -29.30 10.79
N ILE F 79 -9.13 -30.33 10.89
CA ILE F 79 -8.60 -31.07 9.72
C ILE F 79 -9.73 -31.90 9.07
N GLU F 80 -10.51 -32.55 9.93
CA GLU F 80 -11.67 -33.35 9.51
C GLU F 80 -12.73 -32.58 8.69
N TYR F 81 -13.04 -31.39 9.17
CA TYR F 81 -14.10 -30.60 8.56
C TYR F 81 -13.64 -29.47 7.62
N GLU F 82 -12.33 -29.48 7.33
CA GLU F 82 -11.58 -28.53 6.51
C GLU F 82 -11.70 -27.05 6.96
N VAL F 83 -11.55 -26.85 8.27
CA VAL F 83 -11.59 -25.50 8.86
C VAL F 83 -10.21 -24.90 8.71
N SER F 84 -10.12 -23.81 7.98
CA SER F 84 -8.81 -23.21 7.70
C SER F 84 -8.74 -21.75 8.21
N ALA F 85 -9.83 -21.25 8.81
CA ALA F 85 -9.88 -19.90 9.38
C ALA F 85 -10.83 -19.85 10.58
N VAL F 86 -10.60 -18.89 11.48
CA VAL F 86 -11.56 -18.60 12.58
C VAL F 86 -12.16 -17.17 12.45
N PRO F 87 -13.44 -16.94 12.88
CA PRO F 87 -14.55 -17.90 13.23
C PRO F 87 -15.07 -18.65 12.01
N THR F 88 -15.31 -19.95 12.19
CA THR F 88 -16.04 -20.70 11.18
C THR F 88 -17.18 -21.36 11.95
N VAL F 89 -18.39 -21.26 11.43
CA VAL F 89 -19.54 -21.97 12.03
C VAL F 89 -20.10 -22.96 11.05
N LEU F 90 -20.10 -24.24 11.43
CA LEU F 90 -20.71 -25.28 10.63
C LEU F 90 -22.05 -25.65 11.27
N ALA F 91 -23.13 -25.69 10.47
CA ALA F 91 -24.43 -26.24 10.87
C ALA F 91 -24.40 -27.74 10.53
N MET F 92 -24.74 -28.63 11.47
CA MET F 92 -24.59 -30.08 11.25
C MET F 92 -25.86 -30.88 11.56
N LYS F 93 -26.06 -31.96 10.82
CA LYS F 93 -27.16 -32.89 11.04
C LYS F 93 -26.58 -34.29 10.90
N ASN F 94 -26.58 -34.99 12.04
CA ASN F 94 -25.86 -36.27 12.29
C ASN F 94 -24.36 -36.28 11.95
N GLY F 95 -23.67 -35.17 12.24
CA GLY F 95 -22.23 -35.01 11.94
C GLY F 95 -21.86 -34.57 10.53
N ASP F 96 -22.88 -34.45 9.66
CA ASP F 96 -22.68 -33.94 8.31
C ASP F 96 -23.14 -32.49 8.19
N VAL F 97 -22.21 -31.67 7.69
CA VAL F 97 -22.36 -30.27 7.39
C VAL F 97 -23.44 -30.02 6.30
N VAL F 98 -24.44 -29.23 6.65
CA VAL F 98 -25.56 -28.88 5.80
C VAL F 98 -25.53 -27.39 5.37
N ASP F 99 -24.80 -26.56 6.13
CA ASP F 99 -24.59 -25.13 5.85
C ASP F 99 -23.35 -24.66 6.59
N LYS F 100 -22.81 -23.51 6.15
CA LYS F 100 -21.70 -22.86 6.82
C LYS F 100 -21.61 -21.34 6.61
N PHE F 101 -20.84 -20.72 7.51
CA PHE F 101 -20.27 -19.36 7.31
C PHE F 101 -18.94 -19.17 8.02
N VAL F 102 -18.25 -18.13 7.56
CA VAL F 102 -16.95 -17.74 8.09
C VAL F 102 -17.17 -16.25 8.45
N GLY F 103 -16.63 -15.78 9.58
CA GLY F 103 -16.75 -14.37 9.94
C GLY F 103 -17.98 -14.07 10.79
N ILE F 104 -18.11 -12.80 11.15
CA ILE F 104 -19.17 -12.33 12.00
C ILE F 104 -20.45 -12.17 11.15
N LYS F 105 -21.58 -12.65 11.67
CA LYS F 105 -22.88 -12.24 11.18
C LYS F 105 -23.56 -11.37 12.24
N ASP F 106 -24.54 -10.56 11.81
CA ASP F 106 -25.42 -9.75 12.71
C ASP F 106 -26.58 -10.63 13.16
N GLU F 107 -27.42 -10.14 14.07
CA GLU F 107 -28.55 -10.94 14.65
C GLU F 107 -29.63 -11.50 13.72
N ASP F 108 -30.09 -10.69 12.75
CA ASP F 108 -31.04 -11.10 11.71
C ASP F 108 -30.54 -12.22 10.77
N GLN F 109 -29.28 -12.08 10.35
CA GLN F 109 -28.53 -13.10 9.60
C GLN F 109 -28.30 -14.41 10.37
N LEU F 110 -28.13 -14.28 11.69
CA LEU F 110 -27.96 -15.38 12.58
C LEU F 110 -29.26 -16.13 12.79
N GLU F 111 -30.35 -15.38 12.91
CA GLU F 111 -31.74 -15.86 12.99
C GLU F 111 -32.18 -16.63 11.74
N ALA F 112 -31.85 -16.08 10.56
CA ALA F 112 -32.09 -16.75 9.25
C ALA F 112 -31.35 -18.08 9.04
N PHE F 113 -30.12 -18.15 9.58
CA PHE F 113 -29.25 -19.30 9.50
C PHE F 113 -29.78 -20.45 10.36
N LEU F 114 -30.17 -20.11 11.59
CA LEU F 114 -30.79 -21.06 12.53
C LEU F 114 -32.16 -21.51 12.11
N LYS F 115 -32.96 -20.63 11.51
CA LYS F 115 -34.30 -20.99 10.96
C LYS F 115 -34.30 -21.90 9.73
N LYS F 116 -33.32 -21.68 8.85
CA LYS F 116 -33.01 -22.59 7.72
C LYS F 116 -32.58 -24.00 8.20
N LEU F 117 -31.82 -24.04 9.28
CA LEU F 117 -31.32 -25.27 9.88
C LEU F 117 -32.39 -26.16 10.55
N ILE F 118 -33.27 -25.54 11.35
CA ILE F 118 -34.36 -26.21 12.11
C ILE F 118 -35.40 -26.91 11.20
N GLY F 119 -35.69 -26.31 10.05
CA GLY F 119 -36.30 -27.04 8.93
C GLY F 119 -37.44 -26.31 8.24
#